data_1WU2
#
_entry.id   1WU2
#
_cell.length_a   173.149
_cell.length_b   65.912
_cell.length_c   76.684
_cell.angle_alpha   90.00
_cell.angle_beta   102.17
_cell.angle_gamma   90.00
#
_symmetry.space_group_name_H-M   'C 1 2 1'
#
loop_
_entity.id
_entity.type
_entity.pdbx_description
1 polymer 'molybdopterin biosynthesis moeA protein'
2 water water
#
_entity_poly.entity_id   1
_entity_poly.type   'polypeptide(L)'
_entity_poly.pdbx_seq_one_letter_code
;(MSE)(MSE)EFKKLVPYREALKLLLDDINEIEDTEKVPLREAVGRVLAEDIVTEFDIPPFDRAAVDGYAIRAEDTFQAR
EYNPIELTVIEEVPAGNVAKEEVTTGKAIKVLTGTRIPKGANAVI(MSE)QE(MSE)VKREGDKIYVLRPVAPGQNIAFT
GEDVKKGEVVLRKGTILRPQDVA(MSE)LKALGIKKVPVKVKPKVGIIITGSELIEEPSEEGFKEGKIVETNSI(MSE)L
QGLVEKFFGEPILYGVLPDDESIIKETLEKAKNECDIVLITGGSAFGDKDYAHKFVNLLFHGTTIKPGRPFGYGEKVFI
(MSE)SGYPVSVFAQFNLFVKHALAK(MSE)VGAQNYEVKVKAILQDDIPSQLGRYEFIKIYYENGIARVIKKKGSGILS
SLLASNAYLEIPEDSEGYRRGEEVWITLY
;
_entity_poly.pdbx_strand_id   A,B
#
# COMPACT_ATOMS: atom_id res chain seq x y z
N LYS A 6 -13.24 -35.02 3.39
CA LYS A 6 -11.78 -34.77 3.27
C LYS A 6 -11.51 -33.30 2.95
N LEU A 7 -10.72 -32.64 3.79
CA LEU A 7 -10.32 -31.25 3.56
C LEU A 7 -9.39 -31.21 2.36
N VAL A 8 -9.70 -30.36 1.39
CA VAL A 8 -8.87 -30.26 0.19
C VAL A 8 -7.70 -29.29 0.49
N PRO A 9 -6.48 -29.68 0.13
CA PRO A 9 -5.30 -28.83 0.38
C PRO A 9 -5.48 -27.43 -0.18
N TYR A 10 -4.80 -26.45 0.41
CA TYR A 10 -4.92 -25.06 0.01
C TYR A 10 -4.55 -24.81 -1.45
N ARG A 11 -3.44 -25.39 -1.89
CA ARG A 11 -2.94 -25.14 -3.24
C ARG A 11 -3.85 -25.73 -4.32
N GLU A 12 -4.47 -26.87 -4.02
CA GLU A 12 -5.47 -27.45 -4.92
C GLU A 12 -6.74 -26.60 -4.94
N ALA A 13 -7.13 -26.08 -3.79
CA ALA A 13 -8.34 -25.26 -3.65
C ALA A 13 -8.18 -23.92 -4.36
N LEU A 14 -6.97 -23.37 -4.29
CA LEU A 14 -6.70 -22.07 -4.88
C LEU A 14 -6.67 -22.18 -6.40
N LYS A 15 -6.20 -23.32 -6.90
CA LYS A 15 -6.16 -23.56 -8.34
C LYS A 15 -7.56 -23.80 -8.91
N LEU A 16 -8.37 -24.56 -8.20
CA LEU A 16 -9.74 -24.86 -8.63
C LEU A 16 -10.54 -23.57 -8.71
N LEU A 17 -10.38 -22.73 -7.69
CA LEU A 17 -11.04 -21.45 -7.59
C LEU A 17 -10.61 -20.47 -8.68
N LEU A 18 -9.30 -20.30 -8.86
CA LEU A 18 -8.77 -19.30 -9.79
C LEU A 18 -8.93 -19.69 -11.25
N ASP A 19 -8.91 -20.99 -11.55
CA ASP A 19 -9.19 -21.49 -12.90
C ASP A 19 -10.64 -21.17 -13.30
N ASP A 20 -11.53 -21.09 -12.31
CA ASP A 20 -12.93 -20.71 -12.54
C ASP A 20 -13.12 -19.21 -12.80
N ILE A 21 -12.15 -18.40 -12.37
CA ILE A 21 -12.21 -16.94 -12.47
C ILE A 21 -11.47 -16.45 -13.71
N ASN A 22 -12.15 -15.62 -14.51
CA ASN A 22 -11.55 -15.04 -15.71
C ASN A 22 -11.25 -13.55 -15.54
N GLU A 23 -10.30 -13.05 -16.33
CA GLU A 23 -10.02 -11.63 -16.38
C GLU A 23 -11.20 -10.91 -17.02
N ILE A 24 -11.77 -9.95 -16.31
CA ILE A 24 -12.81 -9.08 -16.85
C ILE A 24 -12.30 -8.37 -18.10
N GLU A 25 -13.14 -8.29 -19.13
CA GLU A 25 -12.76 -7.71 -20.42
C GLU A 25 -12.95 -6.20 -20.41
N ASP A 26 -14.02 -5.75 -19.77
CA ASP A 26 -14.46 -4.35 -19.85
C ASP A 26 -13.41 -3.37 -19.34
N THR A 27 -13.22 -2.26 -20.06
CA THR A 27 -12.36 -1.17 -19.64
C THR A 27 -13.10 0.16 -19.69
N GLU A 28 -12.50 1.20 -19.11
CA GLU A 28 -13.01 2.56 -19.15
C GLU A 28 -11.89 3.59 -19.01
N LYS A 29 -12.13 4.78 -19.56
CA LYS A 29 -11.14 5.86 -19.52
C LYS A 29 -11.43 6.73 -18.30
N VAL A 30 -10.46 6.82 -17.38
CA VAL A 30 -10.59 7.66 -16.20
C VAL A 30 -9.56 8.79 -16.26
N PRO A 31 -9.90 9.97 -15.73
CA PRO A 31 -8.98 11.11 -15.76
C PRO A 31 -7.77 10.89 -14.84
N LEU A 32 -6.68 11.57 -15.16
CA LEU A 32 -5.43 11.47 -14.38
C LEU A 32 -5.63 11.71 -12.89
N ARG A 33 -6.49 12.66 -12.55
CA ARG A 33 -6.76 13.03 -11.16
C ARG A 33 -7.35 11.89 -10.33
N GLU A 34 -8.04 10.96 -10.98
CA GLU A 34 -8.68 9.81 -10.32
C GLU A 34 -8.04 8.47 -10.72
N ALA A 35 -6.81 8.51 -11.21
CA ALA A 35 -6.15 7.32 -11.79
C ALA A 35 -5.33 6.50 -10.80
N VAL A 36 -4.93 7.09 -9.67
CA VAL A 36 -4.08 6.40 -8.70
C VAL A 36 -4.83 5.22 -8.05
N GLY A 37 -4.19 4.05 -8.04
CA GLY A 37 -4.77 2.84 -7.48
C GLY A 37 -5.49 1.97 -8.50
N ARG A 38 -5.65 2.50 -9.71
CA ARG A 38 -6.33 1.78 -10.79
C ARG A 38 -5.36 0.90 -11.56
N VAL A 39 -5.91 -0.07 -12.27
CA VAL A 39 -5.14 -1.07 -12.99
C VAL A 39 -5.23 -0.86 -14.49
N LEU A 40 -4.08 -0.65 -15.12
CA LEU A 40 -4.01 -0.43 -16.57
C LEU A 40 -4.58 -1.61 -17.36
N ALA A 41 -5.47 -1.30 -18.31
CA ALA A 41 -6.08 -2.31 -19.15
C ALA A 41 -5.13 -2.84 -20.23
N GLU A 42 -4.16 -2.03 -20.60
CA GLU A 42 -3.22 -2.37 -21.67
C GLU A 42 -1.86 -1.69 -21.50
N ASP A 43 -0.89 -2.12 -22.31
CA ASP A 43 0.39 -1.43 -22.43
C ASP A 43 0.16 0.01 -22.91
N ILE A 44 0.93 0.94 -22.36
CA ILE A 44 0.93 2.33 -22.78
C ILE A 44 2.19 2.56 -23.60
N VAL A 45 2.02 2.90 -24.87
CA VAL A 45 3.13 3.17 -25.77
C VAL A 45 3.19 4.66 -26.06
N THR A 46 4.36 5.25 -25.87
CA THR A 46 4.58 6.66 -26.17
C THR A 46 4.65 6.92 -27.68
N GLU A 47 4.07 8.03 -28.13
CA GLU A 47 4.17 8.46 -29.52
C GLU A 47 5.18 9.62 -29.64
N PHE A 48 5.83 9.96 -28.53
CA PHE A 48 6.83 11.03 -28.49
C PHE A 48 8.15 10.54 -27.89
N ASP A 49 9.26 11.04 -28.44
CA ASP A 49 10.57 10.93 -27.81
C ASP A 49 10.69 12.00 -26.72
N ILE A 50 11.20 11.60 -25.56
CA ILE A 50 11.51 12.54 -24.48
C ILE A 50 12.97 12.32 -24.06
N PRO A 51 13.85 13.30 -24.25
CA PRO A 51 13.54 14.56 -24.94
C PRO A 51 13.36 14.32 -26.43
N PRO A 52 12.73 15.24 -27.15
CA PRO A 52 12.46 15.04 -28.58
C PRO A 52 13.69 15.15 -29.49
N PHE A 53 14.78 15.73 -29.00
CA PHE A 53 16.03 15.83 -29.78
C PHE A 53 17.29 15.71 -28.91
N ASP A 54 18.45 15.57 -29.56
CA ASP A 54 19.74 15.52 -28.87
C ASP A 54 20.02 16.89 -28.28
N ARG A 55 20.29 16.94 -26.97
CA ARG A 55 20.50 18.20 -26.25
C ARG A 55 21.88 18.25 -25.62
N ALA A 56 22.42 19.45 -25.48
CA ALA A 56 23.61 19.67 -24.68
C ALA A 56 23.20 19.57 -23.21
N ALA A 57 23.90 18.72 -22.45
CA ALA A 57 23.63 18.55 -21.02
C ALA A 57 24.36 19.59 -20.18
N VAL A 58 25.20 20.39 -20.83
CA VAL A 58 26.03 21.37 -20.16
C VAL A 58 26.31 22.57 -21.08
N ASP A 59 26.62 23.72 -20.50
CA ASP A 59 27.09 24.87 -21.27
C ASP A 59 28.51 24.55 -21.73
N GLY A 60 28.72 24.45 -23.03
CA GLY A 60 30.04 24.09 -23.55
C GLY A 60 30.25 24.35 -25.02
N TYR A 61 31.06 23.50 -25.65
CA TYR A 61 31.37 23.60 -27.07
C TYR A 61 31.08 22.26 -27.76
N ALA A 62 30.21 22.28 -28.75
CA ALA A 62 29.90 21.09 -29.54
C ALA A 62 31.05 20.78 -30.49
N ILE A 63 31.75 19.69 -30.24
CA ILE A 63 32.93 19.31 -31.03
C ILE A 63 32.75 17.93 -31.64
N ARG A 64 33.78 17.46 -32.32
CA ARG A 64 33.88 16.07 -32.72
C ARG A 64 34.72 15.36 -31.68
N ALA A 65 34.18 14.29 -31.09
CA ALA A 65 34.92 13.46 -30.15
C ALA A 65 36.19 12.92 -30.81
N GLU A 66 36.07 12.57 -32.09
CA GLU A 66 37.17 11.99 -32.87
C GLU A 66 38.40 12.90 -32.94
N ASP A 67 38.17 14.21 -32.93
CA ASP A 67 39.25 15.19 -33.06
C ASP A 67 40.18 15.31 -31.86
N THR A 68 39.83 14.69 -30.73
CA THR A 68 40.56 14.86 -29.47
C THR A 68 41.10 13.55 -28.91
N PHE A 69 41.14 12.49 -29.72
CA PHE A 69 41.60 11.18 -29.26
C PHE A 69 43.10 11.18 -28.93
N GLN A 70 43.86 12.05 -29.59
CA GLN A 70 45.29 12.17 -29.35
C GLN A 70 45.60 13.42 -28.52
N ALA A 71 44.74 13.70 -27.54
CA ALA A 71 44.86 14.89 -26.71
C ALA A 71 45.48 14.53 -25.36
N ARG A 72 46.50 15.27 -24.97
CA ARG A 72 47.18 15.08 -23.68
C ARG A 72 47.49 16.44 -23.05
N GLU A 73 48.12 16.44 -21.89
CA GLU A 73 48.50 17.69 -21.22
C GLU A 73 49.53 18.46 -22.05
N TYR A 74 50.46 17.74 -22.68
CA TYR A 74 51.51 18.35 -23.50
C TYR A 74 51.30 18.13 -25.00
N ASN A 75 50.03 18.00 -25.41
CA ASN A 75 49.65 18.02 -26.81
C ASN A 75 48.22 18.55 -26.94
N PRO A 76 48.04 19.86 -26.75
CA PRO A 76 46.71 20.48 -26.82
C PRO A 76 46.18 20.56 -28.25
N ILE A 77 45.07 19.88 -28.52
CA ILE A 77 44.41 19.98 -29.81
C ILE A 77 43.67 21.32 -29.87
N GLU A 78 43.92 22.09 -30.93
CA GLU A 78 43.27 23.38 -31.11
C GLU A 78 42.04 23.22 -32.00
N LEU A 79 40.93 23.84 -31.58
CA LEU A 79 39.73 23.94 -32.38
C LEU A 79 39.36 25.41 -32.58
N THR A 80 38.54 25.69 -33.58
CA THR A 80 38.14 27.06 -33.89
C THR A 80 36.63 27.23 -33.66
N VAL A 81 36.26 28.27 -32.92
CA VAL A 81 34.87 28.58 -32.61
C VAL A 81 34.27 29.44 -33.72
N ILE A 82 33.45 28.82 -34.56
CA ILE A 82 32.79 29.48 -35.69
C ILE A 82 31.44 30.12 -35.32
N GLU A 83 30.84 29.68 -34.22
CA GLU A 83 29.53 30.21 -33.81
C GLU A 83 29.30 30.10 -32.30
N GLU A 84 28.48 31.02 -31.80
CA GLU A 84 27.93 30.95 -30.45
C GLU A 84 26.42 31.09 -30.55
N VAL A 85 25.71 30.01 -30.23
CA VAL A 85 24.27 29.96 -30.35
C VAL A 85 23.63 30.65 -29.14
N PRO A 86 22.86 31.72 -29.36
CA PRO A 86 22.16 32.39 -28.26
C PRO A 86 21.14 31.48 -27.57
N ALA A 87 20.59 31.94 -26.45
CA ALA A 87 19.66 31.13 -25.67
C ALA A 87 18.37 30.80 -26.44
N GLY A 88 17.98 29.53 -26.44
CA GLY A 88 16.76 29.08 -27.10
C GLY A 88 16.81 29.08 -28.62
N ASN A 89 18.01 29.17 -29.19
CA ASN A 89 18.19 29.20 -30.64
C ASN A 89 18.76 27.87 -31.13
N VAL A 90 18.91 27.75 -32.45
CA VAL A 90 19.56 26.60 -33.08
C VAL A 90 20.77 27.09 -33.87
N ALA A 91 21.79 26.23 -33.96
CA ALA A 91 23.02 26.57 -34.68
C ALA A 91 22.78 26.69 -36.19
N LYS A 92 23.22 27.81 -36.75
CA LYS A 92 23.13 28.04 -38.19
C LYS A 92 24.21 27.27 -38.95
N GLU A 93 25.39 27.13 -38.33
CA GLU A 93 26.55 26.51 -38.97
C GLU A 93 26.70 25.04 -38.55
N GLU A 94 27.41 24.28 -39.38
CA GLU A 94 27.71 22.88 -39.09
C GLU A 94 29.09 22.76 -38.44
N VAL A 95 29.39 21.58 -37.91
CA VAL A 95 30.67 21.31 -37.27
C VAL A 95 31.46 20.33 -38.13
N THR A 96 32.62 20.78 -38.59
CA THR A 96 33.54 19.95 -39.37
C THR A 96 34.80 19.70 -38.56
N THR A 97 35.81 19.06 -39.16
CA THR A 97 37.05 18.75 -38.45
C THR A 97 37.78 20.02 -38.00
N GLY A 98 38.21 20.03 -36.75
CA GLY A 98 38.92 21.15 -36.16
C GLY A 98 38.05 22.31 -35.75
N LYS A 99 36.75 22.07 -35.61
CA LYS A 99 35.77 23.14 -35.35
C LYS A 99 35.01 22.89 -34.05
N ALA A 100 34.26 23.91 -33.64
CA ALA A 100 33.50 23.88 -32.38
C ALA A 100 32.44 24.98 -32.36
N ILE A 101 31.31 24.72 -31.71
CA ILE A 101 30.21 25.70 -31.64
C ILE A 101 29.74 25.82 -30.19
N LYS A 102 29.99 26.97 -29.58
CA LYS A 102 29.51 27.26 -28.23
C LYS A 102 27.99 27.10 -28.14
N VAL A 103 27.55 26.26 -27.21
CA VAL A 103 26.13 26.07 -26.92
C VAL A 103 25.84 26.24 -25.44
N LEU A 104 24.56 26.35 -25.11
CA LEU A 104 24.09 26.33 -23.72
C LEU A 104 23.36 25.01 -23.47
N THR A 105 23.08 24.73 -22.20
CA THR A 105 22.32 23.54 -21.81
C THR A 105 20.91 23.63 -22.41
N GLY A 106 20.44 22.54 -23.02
CA GLY A 106 19.16 22.51 -23.68
C GLY A 106 19.24 22.70 -25.19
N THR A 107 20.32 23.33 -25.66
CA THR A 107 20.48 23.62 -27.08
C THR A 107 20.66 22.34 -27.89
N ARG A 108 20.00 22.28 -29.05
CA ARG A 108 20.11 21.13 -29.94
C ARG A 108 21.53 21.01 -30.44
N ILE A 109 22.08 19.80 -30.40
CA ILE A 109 23.44 19.56 -30.86
C ILE A 109 23.49 19.89 -32.36
N PRO A 110 24.38 20.81 -32.76
CA PRO A 110 24.50 21.16 -34.17
C PRO A 110 24.80 19.96 -35.05
N LYS A 111 24.37 20.02 -36.30
CA LYS A 111 24.82 19.07 -37.32
C LYS A 111 26.35 19.03 -37.30
N GLY A 112 26.91 17.82 -37.40
CA GLY A 112 28.34 17.63 -37.38
C GLY A 112 28.88 17.19 -36.03
N ALA A 113 28.34 17.75 -34.95
CA ALA A 113 28.84 17.47 -33.60
C ALA A 113 28.28 16.16 -33.03
N ASN A 114 29.13 15.42 -32.34
CA ASN A 114 28.72 14.23 -31.60
C ASN A 114 29.14 14.26 -30.12
N ALA A 115 29.60 15.42 -29.65
CA ALA A 115 29.98 15.58 -28.25
C ALA A 115 29.98 17.05 -27.82
N VAL A 116 29.96 17.28 -26.50
CA VAL A 116 30.06 18.61 -25.93
C VAL A 116 31.03 18.61 -24.74
N ILE A 117 31.95 19.57 -24.75
CA ILE A 117 32.94 19.74 -23.68
C ILE A 117 32.56 20.91 -22.81
N GLN A 119 32.57 24.19 -20.61
CA GLN A 119 33.24 25.48 -20.81
C GLN A 119 34.54 25.58 -20.01
N GLU A 120 34.46 25.21 -18.74
CA GLU A 120 35.55 25.38 -17.80
C GLU A 120 36.72 24.42 -18.02
N VAL A 122 38.16 23.80 -20.84
CA VAL A 122 39.00 24.28 -21.94
C VAL A 122 39.43 25.73 -21.72
N LYS A 123 40.58 26.09 -22.29
CA LYS A 123 41.12 27.45 -22.19
C LYS A 123 40.63 28.27 -23.38
N ARG A 124 39.97 29.39 -23.09
CA ARG A 124 39.39 30.25 -24.13
C ARG A 124 40.34 31.41 -24.46
N GLU A 125 41.21 31.19 -25.44
CA GLU A 125 42.16 32.21 -25.90
C GLU A 125 41.68 32.81 -27.23
N GLY A 126 40.88 33.86 -27.15
CA GLY A 126 40.37 34.55 -28.33
C GLY A 126 39.23 33.81 -29.00
N ASP A 127 39.49 33.30 -30.20
CA ASP A 127 38.50 32.53 -30.97
C ASP A 127 38.89 31.04 -31.03
N LYS A 128 39.87 30.64 -30.23
CA LYS A 128 40.32 29.25 -30.18
C LYS A 128 40.02 28.66 -28.81
N ILE A 129 39.77 27.35 -28.78
CA ILE A 129 39.70 26.60 -27.52
C ILE A 129 40.74 25.49 -27.52
N TYR A 130 41.13 25.07 -26.32
CA TYR A 130 42.17 24.05 -26.17
C TYR A 130 41.69 22.92 -25.28
N VAL A 131 41.75 21.70 -25.83
CA VAL A 131 41.31 20.50 -25.13
C VAL A 131 42.53 19.66 -24.74
N LEU A 132 42.63 19.35 -23.46
CA LEU A 132 43.81 18.69 -22.89
C LEU A 132 43.61 17.19 -22.68
N ARG A 133 42.38 16.71 -22.85
CA ARG A 133 42.05 15.30 -22.65
C ARG A 133 41.05 14.78 -23.68
N PRO A 134 41.09 13.49 -23.99
CA PRO A 134 40.17 12.90 -24.97
C PRO A 134 38.70 12.96 -24.54
N VAL A 135 37.85 13.38 -25.47
CA VAL A 135 36.42 13.49 -25.25
C VAL A 135 35.73 12.28 -25.89
N ALA A 136 34.86 11.63 -25.14
CA ALA A 136 34.12 10.46 -25.63
C ALA A 136 33.00 10.89 -26.57
N PRO A 137 32.70 10.06 -27.58
CA PRO A 137 31.49 10.26 -28.38
C PRO A 137 30.24 10.16 -27.52
N GLY A 138 29.39 11.19 -27.59
CA GLY A 138 28.16 11.23 -26.82
C GLY A 138 28.33 11.86 -25.45
N GLN A 139 29.49 12.48 -25.22
CA GLN A 139 29.79 13.11 -23.93
C GLN A 139 28.93 14.34 -23.75
N ASN A 140 28.27 14.45 -22.60
CA ASN A 140 27.38 15.56 -22.28
C ASN A 140 26.29 15.79 -23.32
N ILE A 141 25.73 14.70 -23.84
CA ILE A 141 24.58 14.76 -24.72
C ILE A 141 23.43 13.94 -24.13
N ALA A 142 22.33 14.63 -23.82
CA ALA A 142 21.07 13.97 -23.55
C ALA A 142 20.44 13.57 -24.88
N PHE A 143 20.67 12.33 -25.29
CA PHE A 143 20.20 11.85 -26.59
C PHE A 143 18.69 11.75 -26.68
N THR A 144 18.18 11.67 -27.90
CA THR A 144 16.75 11.59 -28.16
C THR A 144 16.17 10.34 -27.53
N GLY A 145 15.19 10.55 -26.64
CA GLY A 145 14.45 9.45 -26.06
C GLY A 145 15.16 8.73 -24.93
N GLU A 146 16.16 9.37 -24.32
CA GLU A 146 16.90 8.75 -23.23
C GLU A 146 15.99 8.49 -22.03
N ASP A 147 14.98 9.33 -21.85
CA ASP A 147 13.92 9.07 -20.87
C ASP A 147 12.99 7.97 -21.38
N VAL A 148 12.21 8.27 -22.42
CA VAL A 148 11.45 7.26 -23.17
C VAL A 148 11.59 7.52 -24.66
N LYS A 149 11.72 6.46 -25.45
CA LYS A 149 11.87 6.60 -26.90
C LYS A 149 10.53 6.33 -27.59
N LYS A 150 10.37 6.89 -28.78
CA LYS A 150 9.11 6.78 -29.52
C LYS A 150 8.82 5.33 -29.88
N GLY A 151 7.57 4.91 -29.65
CA GLY A 151 7.15 3.54 -29.88
C GLY A 151 7.61 2.55 -28.82
N GLU A 152 7.94 3.05 -27.63
CA GLU A 152 8.42 2.23 -26.54
C GLU A 152 7.33 2.10 -25.49
N VAL A 153 7.24 0.92 -24.87
CA VAL A 153 6.32 0.68 -23.75
C VAL A 153 6.90 1.36 -22.52
N VAL A 154 6.13 2.28 -21.93
CA VAL A 154 6.52 3.00 -20.72
C VAL A 154 5.83 2.46 -19.47
N LEU A 155 4.62 1.91 -19.64
CA LEU A 155 3.89 1.28 -18.54
C LEU A 155 3.22 0.00 -19.03
N ARG A 156 3.48 -1.10 -18.34
CA ARG A 156 2.94 -2.40 -18.73
C ARG A 156 1.49 -2.56 -18.29
N LYS A 157 0.81 -3.49 -18.94
CA LYS A 157 -0.54 -3.90 -18.57
C LYS A 157 -0.51 -4.54 -17.18
N GLY A 158 -1.48 -4.18 -16.35
CA GLY A 158 -1.57 -4.71 -15.00
C GLY A 158 -0.93 -3.83 -13.96
N THR A 159 -0.23 -2.79 -14.40
CA THR A 159 0.41 -1.84 -13.50
C THR A 159 -0.65 -1.15 -12.63
N ILE A 160 -0.34 -1.04 -11.33
CA ILE A 160 -1.20 -0.34 -10.38
C ILE A 160 -0.61 1.06 -10.28
N LEU A 161 -1.33 2.05 -10.79
CA LEU A 161 -0.79 3.37 -11.01
C LEU A 161 -0.48 4.11 -9.72
N ARG A 162 0.71 4.70 -9.66
CA ARG A 162 1.10 5.57 -8.56
C ARG A 162 1.29 6.98 -9.11
N PRO A 163 1.53 7.97 -8.25
CA PRO A 163 1.74 9.35 -8.70
C PRO A 163 2.77 9.54 -9.81
N GLN A 164 3.90 8.82 -9.77
CA GLN A 164 4.94 8.93 -10.79
C GLN A 164 4.49 8.33 -12.14
N ASP A 165 3.66 7.29 -12.08
CA ASP A 165 3.09 6.70 -13.29
C ASP A 165 2.11 7.68 -13.96
N VAL A 166 1.32 8.37 -13.14
CA VAL A 166 0.31 9.31 -13.63
C VAL A 166 0.99 10.52 -14.27
N ALA A 167 2.17 10.86 -13.78
CA ALA A 167 2.98 11.96 -14.30
C ALA A 167 3.54 11.61 -15.67
N LEU A 169 2.11 9.62 -17.68
CA LEU A 169 0.93 9.65 -18.54
C LEU A 169 0.69 11.06 -19.06
N LYS A 170 0.87 12.06 -18.19
CA LYS A 170 0.75 13.45 -18.61
C LYS A 170 1.87 13.86 -19.55
N ALA A 171 3.05 13.27 -19.36
CA ALA A 171 4.19 13.53 -20.24
C ALA A 171 3.93 13.02 -21.66
N LEU A 172 3.12 11.96 -21.77
CA LEU A 172 2.75 11.38 -23.06
C LEU A 172 1.50 12.03 -23.67
N GLY A 173 0.87 12.95 -22.95
CA GLY A 173 -0.32 13.64 -23.44
C GLY A 173 -1.61 12.86 -23.32
N ILE A 174 -1.69 11.94 -22.36
CA ILE A 174 -2.89 11.15 -22.12
C ILE A 174 -3.73 11.81 -21.03
N LYS A 175 -4.91 12.31 -21.41
CA LYS A 175 -5.81 12.97 -20.47
C LYS A 175 -6.61 11.97 -19.66
N LYS A 176 -7.11 10.93 -20.34
CA LYS A 176 -7.88 9.87 -19.70
C LYS A 176 -7.31 8.51 -20.08
N VAL A 177 -6.75 7.82 -19.08
CA VAL A 177 -6.04 6.56 -19.28
C VAL A 177 -6.97 5.34 -19.17
N PRO A 178 -6.85 4.39 -20.11
CA PRO A 178 -7.67 3.17 -20.05
C PRO A 178 -7.28 2.24 -18.90
N VAL A 179 -8.25 1.93 -18.03
CA VAL A 179 -8.06 1.00 -16.92
C VAL A 179 -9.20 -0.01 -16.88
N LYS A 180 -8.98 -1.13 -16.19
CA LYS A 180 -10.01 -2.14 -16.03
C LYS A 180 -11.16 -1.60 -15.17
N VAL A 181 -12.38 -1.99 -15.54
CA VAL A 181 -13.56 -1.74 -14.71
C VAL A 181 -13.41 -2.55 -13.43
N LYS A 182 -13.72 -1.93 -12.29
CA LYS A 182 -13.63 -2.58 -10.99
C LYS A 182 -14.65 -3.71 -10.94
N PRO A 183 -14.21 -4.93 -10.62
CA PRO A 183 -15.14 -6.04 -10.43
C PRO A 183 -16.15 -5.72 -9.34
N LYS A 184 -17.43 -5.90 -9.64
CA LYS A 184 -18.47 -5.73 -8.64
C LYS A 184 -18.52 -6.98 -7.76
N VAL A 185 -18.35 -6.78 -6.45
CA VAL A 185 -18.32 -7.87 -5.48
C VAL A 185 -19.50 -7.74 -4.53
N GLY A 186 -20.46 -8.65 -4.63
CA GLY A 186 -21.60 -8.68 -3.73
C GLY A 186 -21.19 -9.13 -2.33
N ILE A 187 -21.90 -8.64 -1.32
CA ILE A 187 -21.64 -8.98 0.07
C ILE A 187 -22.97 -9.26 0.77
N ILE A 188 -23.20 -10.54 1.09
CA ILE A 188 -24.38 -10.96 1.85
C ILE A 188 -23.94 -11.43 3.22
N ILE A 189 -24.45 -10.80 4.28
CA ILE A 189 -24.22 -11.28 5.63
C ILE A 189 -25.41 -12.14 6.04
N THR A 190 -25.17 -13.20 6.81
CA THR A 190 -26.23 -14.12 7.25
C THR A 190 -26.11 -14.39 8.75
N GLY A 191 -27.26 -14.47 9.43
CA GLY A 191 -27.31 -14.74 10.86
C GLY A 191 -28.38 -13.94 11.57
N SER A 192 -29.31 -14.64 12.22
CA SER A 192 -30.39 -14.01 13.01
C SER A 192 -29.82 -13.41 14.29
N GLU A 193 -28.73 -14.02 14.76
CA GLU A 193 -27.90 -13.50 15.83
C GLU A 193 -27.41 -12.05 15.61
N LEU A 194 -27.13 -11.70 14.36
CA LEU A 194 -26.46 -10.44 14.04
C LEU A 194 -27.34 -9.19 14.20
N ILE A 195 -26.70 -8.10 14.62
CA ILE A 195 -27.37 -6.83 14.91
C ILE A 195 -26.46 -5.67 14.51
N GLU A 196 -27.03 -4.54 14.10
CA GLU A 196 -26.24 -3.43 13.55
C GLU A 196 -25.51 -2.61 14.60
N GLU A 197 -26.10 -2.48 15.79
CA GLU A 197 -25.58 -1.59 16.83
C GLU A 197 -25.38 -2.31 18.18
N PRO A 198 -24.34 -1.95 18.92
CA PRO A 198 -24.17 -2.43 20.29
C PRO A 198 -25.09 -1.69 21.25
N SER A 199 -25.98 -2.43 21.93
CA SER A 199 -26.88 -1.84 22.92
C SER A 199 -27.14 -2.83 24.06
N GLU A 200 -27.73 -2.33 25.15
CA GLU A 200 -27.93 -3.15 26.36
C GLU A 200 -28.95 -4.26 26.13
N GLU A 201 -30.11 -3.90 25.58
CA GLU A 201 -31.17 -4.88 25.32
C GLU A 201 -30.77 -5.91 24.26
N GLY A 202 -29.90 -5.50 23.34
CA GLY A 202 -29.38 -6.40 22.32
C GLY A 202 -28.54 -7.51 22.92
N PHE A 203 -27.71 -7.16 23.90
CA PHE A 203 -26.84 -8.13 24.58
C PHE A 203 -27.62 -9.12 25.44
N LYS A 204 -28.75 -8.68 26.01
CA LYS A 204 -29.58 -9.53 26.86
C LYS A 204 -30.38 -10.57 26.06
N GLU A 205 -30.55 -10.32 24.75
CA GLU A 205 -31.22 -11.27 23.87
C GLU A 205 -30.22 -12.11 23.06
N GLY A 206 -28.94 -12.02 23.42
CA GLY A 206 -27.91 -12.87 22.85
C GLY A 206 -27.53 -12.54 21.42
N LYS A 207 -27.39 -11.25 21.14
CA LYS A 207 -27.03 -10.76 19.81
C LYS A 207 -25.62 -10.20 19.83
N ILE A 208 -24.91 -10.35 18.71
CA ILE A 208 -23.57 -9.78 18.55
C ILE A 208 -23.55 -8.79 17.38
N VAL A 209 -22.72 -7.76 17.51
CA VAL A 209 -22.65 -6.68 16.52
C VAL A 209 -22.02 -7.18 15.23
N GLU A 210 -22.61 -6.78 14.11
CA GLU A 210 -22.16 -7.18 12.79
C GLU A 210 -20.93 -6.35 12.43
N THR A 211 -19.92 -7.01 11.90
CA THR A 211 -18.61 -6.40 11.69
C THR A 211 -17.97 -6.76 10.33
N ASN A 212 -18.27 -7.94 9.80
CA ASN A 212 -17.65 -8.41 8.56
C ASN A 212 -18.05 -7.63 7.32
N SER A 213 -19.21 -6.99 7.35
CA SER A 213 -19.69 -6.26 6.18
C SER A 213 -18.77 -5.08 5.89
N ILE A 214 -18.60 -4.20 6.87
CA ILE A 214 -17.75 -3.02 6.73
C ILE A 214 -16.29 -3.39 6.50
N LEU A 216 -15.16 -6.17 4.95
CA LEU A 216 -15.08 -6.67 3.58
C LEU A 216 -15.24 -5.55 2.55
N GLN A 217 -16.02 -4.51 2.88
CA GLN A 217 -16.16 -3.36 1.99
C GLN A 217 -14.80 -2.69 1.77
N GLY A 218 -14.11 -2.41 2.87
CA GLY A 218 -12.78 -1.83 2.80
C GLY A 218 -11.76 -2.70 2.10
N LEU A 219 -11.83 -4.01 2.33
CA LEU A 219 -10.85 -4.95 1.79
C LEU A 219 -11.02 -5.10 0.28
N VAL A 220 -12.28 -5.09 -0.17
CA VAL A 220 -12.60 -5.17 -1.59
C VAL A 220 -12.16 -3.89 -2.29
N GLU A 221 -12.36 -2.74 -1.65
CA GLU A 221 -11.97 -1.44 -2.20
C GLU A 221 -10.43 -1.30 -2.22
N LYS A 222 -9.77 -1.93 -1.25
CA LYS A 222 -8.31 -1.93 -1.20
C LYS A 222 -7.75 -2.73 -2.38
N PHE A 223 -8.46 -3.79 -2.76
CA PHE A 223 -8.01 -4.69 -3.81
C PHE A 223 -8.92 -4.66 -5.05
N PHE A 224 -9.03 -3.49 -5.65
CA PHE A 224 -9.47 -3.30 -7.04
C PHE A 224 -10.98 -3.38 -7.31
N GLY A 225 -11.77 -3.77 -6.31
CA GLY A 225 -13.18 -4.03 -6.49
C GLY A 225 -14.12 -2.93 -6.00
N GLU A 226 -15.37 -3.02 -6.42
CA GLU A 226 -16.46 -2.17 -5.95
C GLU A 226 -17.42 -3.04 -5.13
N PRO A 227 -17.46 -2.85 -3.81
CA PRO A 227 -18.38 -3.65 -2.97
C PRO A 227 -19.82 -3.17 -3.09
N ILE A 228 -20.75 -4.12 -3.14
CA ILE A 228 -22.17 -3.81 -3.22
C ILE A 228 -22.90 -4.56 -2.10
N LEU A 229 -23.50 -3.81 -1.19
CA LEU A 229 -24.15 -4.36 0.00
C LEU A 229 -25.56 -4.83 -0.31
N TYR A 230 -25.87 -6.06 0.07
CA TYR A 230 -27.23 -6.58 0.06
C TYR A 230 -27.78 -6.73 1.48
N GLY A 231 -26.97 -6.35 2.47
CA GLY A 231 -27.40 -6.26 3.85
C GLY A 231 -27.33 -7.55 4.65
N VAL A 232 -27.73 -7.45 5.92
CA VAL A 232 -27.79 -8.59 6.83
C VAL A 232 -29.14 -9.28 6.66
N LEU A 233 -29.11 -10.60 6.53
CA LEU A 233 -30.31 -11.41 6.31
C LEU A 233 -30.50 -12.39 7.47
N PRO A 234 -31.73 -12.79 7.76
CA PRO A 234 -31.97 -13.83 8.77
C PRO A 234 -31.69 -15.23 8.22
N ASP A 235 -31.53 -16.20 9.11
CA ASP A 235 -31.39 -17.60 8.73
C ASP A 235 -32.74 -18.12 8.24
N ASP A 236 -32.93 -18.03 6.92
CA ASP A 236 -34.19 -18.38 6.29
C ASP A 236 -33.94 -18.72 4.82
N GLU A 237 -34.18 -19.98 4.44
CA GLU A 237 -33.83 -20.48 3.11
C GLU A 237 -34.42 -19.65 1.96
N SER A 238 -35.68 -19.23 2.10
CA SER A 238 -36.36 -18.46 1.05
C SER A 238 -35.69 -17.12 0.80
N ILE A 239 -35.36 -16.41 1.89
CA ILE A 239 -34.72 -15.10 1.80
C ILE A 239 -33.25 -15.20 1.33
N ILE A 240 -32.56 -16.30 1.64
CA ILE A 240 -31.18 -16.47 1.19
C ILE A 240 -31.12 -16.83 -0.30
N LYS A 241 -32.25 -17.21 -0.87
CA LYS A 241 -32.35 -17.51 -2.30
C LYS A 241 -32.23 -16.28 -3.22
N GLU A 242 -32.21 -15.07 -2.63
CA GLU A 242 -31.87 -13.85 -3.37
C GLU A 242 -30.36 -13.71 -3.65
N THR A 243 -29.58 -14.74 -3.33
CA THR A 243 -28.21 -14.90 -3.83
C THR A 243 -28.20 -14.92 -5.36
N LEU A 244 -29.32 -15.33 -5.96
CA LEU A 244 -29.49 -15.29 -7.41
C LEU A 244 -29.43 -13.86 -7.96
N GLU A 245 -30.01 -12.91 -7.24
CA GLU A 245 -29.92 -11.49 -7.62
C GLU A 245 -28.47 -10.98 -7.62
N LYS A 246 -27.66 -11.51 -6.69
CA LYS A 246 -26.27 -11.08 -6.54
C LYS A 246 -25.41 -11.58 -7.68
N ALA A 247 -25.61 -12.84 -8.07
CA ALA A 247 -24.85 -13.46 -9.14
C ALA A 247 -25.11 -12.80 -10.49
N LYS A 248 -26.34 -12.31 -10.67
CA LYS A 248 -26.72 -11.58 -11.88
C LYS A 248 -26.09 -10.18 -11.88
N ASN A 249 -26.27 -9.47 -10.78
CA ASN A 249 -25.78 -8.09 -10.64
C ASN A 249 -24.25 -7.97 -10.62
N GLU A 250 -23.57 -9.03 -10.20
CA GLU A 250 -22.13 -8.97 -9.91
C GLU A 250 -21.30 -10.00 -10.65
N CYS A 251 -19.99 -9.76 -10.63
CA CYS A 251 -19.01 -10.66 -11.23
C CYS A 251 -18.73 -11.81 -10.28
N ASP A 252 -18.50 -11.48 -9.01
CA ASP A 252 -18.42 -12.47 -7.94
C ASP A 252 -19.23 -12.00 -6.74
N ILE A 253 -19.51 -12.91 -5.81
CA ILE A 253 -20.28 -12.60 -4.62
C ILE A 253 -19.71 -13.34 -3.40
N VAL A 254 -19.66 -12.61 -2.29
CA VAL A 254 -19.13 -13.09 -1.02
C VAL A 254 -20.30 -13.19 -0.05
N LEU A 255 -20.42 -14.31 0.66
CA LEU A 255 -21.44 -14.45 1.69
C LEU A 255 -20.91 -15.07 2.99
N ILE A 256 -21.46 -14.59 4.10
CA ILE A 256 -21.03 -14.91 5.46
C ILE A 256 -21.95 -15.98 6.05
N THR A 257 -21.45 -16.73 7.03
CA THR A 257 -22.30 -17.67 7.77
C THR A 257 -23.15 -16.92 8.80
N ASP A 266 -27.07 -25.78 9.24
CA ASP A 266 -27.98 -26.24 8.18
C ASP A 266 -27.14 -26.77 7.00
N TYR A 267 -27.14 -26.09 5.85
CA TYR A 267 -26.22 -26.44 4.76
C TYR A 267 -26.12 -25.42 3.62
N ALA A 268 -24.96 -25.41 2.96
CA ALA A 268 -24.60 -24.44 1.93
C ALA A 268 -24.58 -25.00 0.52
N HIS A 269 -24.63 -26.32 0.38
CA HIS A 269 -24.72 -26.94 -0.95
C HIS A 269 -26.13 -26.82 -1.55
N LYS A 270 -27.11 -26.45 -0.73
CA LYS A 270 -28.47 -26.21 -1.19
C LYS A 270 -28.61 -24.89 -1.97
N PHE A 271 -27.68 -23.96 -1.75
CA PHE A 271 -27.68 -22.66 -2.43
C PHE A 271 -26.69 -22.57 -3.59
N VAL A 272 -25.64 -23.37 -3.53
CA VAL A 272 -24.53 -23.28 -4.50
C VAL A 272 -24.08 -24.65 -4.96
N ASN A 273 -23.76 -24.76 -6.25
CA ASN A 273 -23.11 -25.94 -6.79
C ASN A 273 -21.59 -25.81 -6.60
N LEU A 274 -21.08 -26.47 -5.58
CA LEU A 274 -19.72 -26.22 -5.09
C LEU A 274 -18.65 -27.08 -5.76
N LEU A 275 -17.57 -26.43 -6.21
CA LEU A 275 -16.35 -27.13 -6.61
C LEU A 275 -15.69 -27.77 -5.39
N PHE A 276 -15.62 -27.01 -4.29
CA PHE A 276 -15.13 -27.53 -3.02
C PHE A 276 -15.80 -26.85 -1.82
N HIS A 277 -15.63 -27.47 -0.65
CA HIS A 277 -16.20 -27.00 0.60
C HIS A 277 -15.55 -27.80 1.72
N GLY A 278 -14.89 -27.12 2.65
CA GLY A 278 -14.05 -27.77 3.63
C GLY A 278 -12.65 -27.80 3.08
N THR A 279 -11.82 -26.90 3.57
CA THR A 279 -10.47 -26.73 3.07
C THR A 279 -9.47 -26.85 4.21
N THR A 280 -8.19 -26.83 3.86
CA THR A 280 -7.12 -27.16 4.78
C THR A 280 -6.65 -25.98 5.66
N ILE A 281 -7.00 -24.75 5.27
CA ILE A 281 -6.49 -23.57 5.98
C ILE A 281 -7.00 -23.47 7.42
N LYS A 282 -6.25 -22.75 8.25
CA LYS A 282 -6.57 -22.57 9.66
C LYS A 282 -6.02 -21.21 10.13
N PRO A 283 -6.88 -20.27 10.55
CA PRO A 283 -8.34 -20.43 10.53
C PRO A 283 -8.92 -20.35 9.12
N GLY A 284 -10.25 -20.49 9.02
CA GLY A 284 -10.95 -20.39 7.74
C GLY A 284 -11.22 -21.72 7.07
N ARG A 285 -11.15 -22.80 7.85
CA ARG A 285 -11.32 -24.17 7.34
C ARG A 285 -12.62 -24.41 6.55
N PRO A 286 -13.77 -23.98 7.07
CA PRO A 286 -15.06 -24.24 6.37
C PRO A 286 -15.30 -23.44 5.08
N PHE A 287 -14.28 -22.81 4.52
CA PHE A 287 -14.41 -22.07 3.27
C PHE A 287 -14.75 -22.99 2.09
N GLY A 288 -15.69 -22.55 1.26
CA GLY A 288 -16.02 -23.21 0.00
C GLY A 288 -16.18 -22.22 -1.13
N TYR A 289 -16.33 -22.73 -2.36
CA TYR A 289 -16.55 -21.88 -3.52
C TYR A 289 -17.19 -22.63 -4.70
N GLY A 290 -18.08 -21.93 -5.41
CA GLY A 290 -18.68 -22.44 -6.63
C GLY A 290 -19.59 -21.41 -7.30
N GLU A 291 -19.54 -21.36 -8.62
CA GLU A 291 -20.38 -20.44 -9.42
C GLU A 291 -20.19 -18.97 -9.05
N LYS A 292 -18.93 -18.57 -8.87
CA LYS A 292 -18.56 -17.19 -8.48
C LYS A 292 -18.95 -16.82 -7.05
N VAL A 293 -19.31 -17.79 -6.23
CA VAL A 293 -19.79 -17.54 -4.87
C VAL A 293 -18.79 -18.07 -3.84
N PHE A 294 -18.34 -17.18 -2.95
CA PHE A 294 -17.36 -17.49 -1.92
C PHE A 294 -18.08 -17.64 -0.58
N ILE A 295 -18.08 -18.85 -0.04
CA ILE A 295 -18.69 -19.12 1.27
C ILE A 295 -17.67 -18.83 2.38
N SER A 297 -16.69 -17.42 6.65
CA SER A 297 -16.79 -18.05 7.96
C SER A 297 -17.54 -17.29 9.06
N GLY A 298 -17.78 -16.00 8.88
CA GLY A 298 -18.55 -15.23 9.85
C GLY A 298 -17.80 -14.59 11.00
N TYR A 299 -16.68 -15.18 11.41
CA TYR A 299 -15.86 -14.60 12.47
C TYR A 299 -14.72 -13.78 11.85
N PRO A 300 -14.58 -12.52 12.26
CA PRO A 300 -13.66 -11.57 11.61
C PRO A 300 -12.25 -12.08 11.31
N VAL A 301 -11.61 -12.73 12.27
CA VAL A 301 -10.26 -13.24 12.07
C VAL A 301 -10.24 -14.26 10.94
N SER A 302 -11.24 -15.14 10.94
CA SER A 302 -11.37 -16.18 9.92
C SER A 302 -11.74 -15.66 8.52
N VAL A 303 -12.55 -14.61 8.45
CA VAL A 303 -12.90 -13.97 7.18
C VAL A 303 -11.68 -13.29 6.56
N PHE A 304 -10.83 -12.71 7.41
CA PHE A 304 -9.63 -11.99 6.96
C PHE A 304 -8.64 -12.95 6.29
N ALA A 305 -8.41 -14.08 6.93
CA ALA A 305 -7.52 -15.11 6.38
C ALA A 305 -8.09 -15.68 5.08
N GLN A 306 -9.40 -15.85 5.03
CA GLN A 306 -10.06 -16.34 3.82
C GLN A 306 -9.99 -15.32 2.69
N PHE A 307 -10.02 -14.04 3.03
CA PHE A 307 -9.96 -12.99 2.02
C PHE A 307 -8.56 -12.92 1.41
N ASN A 308 -7.55 -12.90 2.28
CA ASN A 308 -6.16 -12.82 1.83
C ASN A 308 -5.69 -14.05 1.05
N LEU A 309 -6.20 -15.22 1.43
CA LEU A 309 -5.76 -16.48 0.82
C LEU A 309 -6.53 -16.85 -0.44
N PHE A 310 -7.72 -16.27 -0.64
CA PHE A 310 -8.56 -16.62 -1.77
C PHE A 310 -9.03 -15.38 -2.55
N VAL A 311 -9.85 -14.56 -1.89
CA VAL A 311 -10.51 -13.44 -2.55
C VAL A 311 -9.52 -12.45 -3.16
N LYS A 312 -8.49 -12.09 -2.40
CA LYS A 312 -7.46 -11.15 -2.84
C LYS A 312 -6.86 -11.56 -4.19
N HIS A 313 -6.58 -12.84 -4.35
CA HIS A 313 -5.95 -13.36 -5.57
C HIS A 313 -6.94 -13.49 -6.73
N ALA A 314 -8.20 -13.73 -6.43
CA ALA A 314 -9.25 -13.75 -7.45
C ALA A 314 -9.48 -12.36 -8.05
N LEU A 315 -9.60 -11.37 -7.17
CA LEU A 315 -9.77 -9.98 -7.58
C LEU A 315 -8.59 -9.49 -8.44
N ALA A 316 -7.39 -9.86 -8.05
CA ALA A 316 -6.18 -9.50 -8.78
C ALA A 316 -6.16 -10.13 -10.17
N LYS A 317 -6.65 -11.37 -10.27
CA LYS A 317 -6.73 -12.06 -11.55
C LYS A 317 -7.76 -11.41 -12.48
N VAL A 319 -8.62 -8.20 -12.72
CA VAL A 319 -8.09 -6.97 -13.32
C VAL A 319 -6.68 -7.16 -13.90
N GLY A 320 -6.12 -8.37 -13.76
CA GLY A 320 -4.77 -8.65 -14.21
C GLY A 320 -3.70 -7.86 -13.47
N ALA A 321 -3.95 -7.59 -12.19
CA ALA A 321 -3.02 -6.81 -11.36
C ALA A 321 -1.68 -7.50 -11.22
N GLN A 322 -0.62 -6.70 -11.35
CA GLN A 322 0.76 -7.17 -11.15
C GLN A 322 1.34 -6.45 -9.95
N ASN A 323 2.09 -7.18 -9.12
CA ASN A 323 2.77 -6.61 -7.96
C ASN A 323 1.80 -5.98 -6.96
N TYR A 324 0.79 -6.76 -6.57
CA TYR A 324 -0.26 -6.30 -5.66
C TYR A 324 -0.01 -6.72 -4.21
N GLU A 325 1.16 -7.31 -3.96
CA GLU A 325 1.57 -7.69 -2.61
C GLU A 325 3.09 -7.72 -2.48
N VAL A 326 3.57 -7.45 -1.27
CA VAL A 326 5.01 -7.38 -1.00
C VAL A 326 5.42 -8.54 -0.10
N LYS A 327 6.43 -9.30 -0.53
CA LYS A 327 7.02 -10.34 0.30
C LYS A 327 8.33 -9.85 0.92
N VAL A 328 8.48 -10.09 2.21
CA VAL A 328 9.59 -9.57 3.00
C VAL A 328 10.30 -10.70 3.77
N LYS A 329 11.62 -10.64 3.79
CA LYS A 329 12.45 -11.59 4.56
C LYS A 329 12.56 -11.08 6.00
N ALA A 330 12.37 -11.97 6.97
CA ALA A 330 12.37 -11.59 8.38
C ALA A 330 12.85 -12.72 9.29
N ILE A 331 13.52 -12.36 10.38
CA ILE A 331 13.93 -13.31 11.40
C ILE A 331 12.78 -13.49 12.38
N LEU A 332 12.44 -14.74 12.67
CA LEU A 332 11.27 -15.06 13.47
C LEU A 332 11.58 -14.94 14.96
N GLN A 333 10.76 -14.18 15.69
CA GLN A 333 10.99 -13.92 17.11
C GLN A 333 10.64 -15.10 18.00
N ASP A 334 9.57 -15.83 17.65
CA ASP A 334 9.03 -16.89 18.49
C ASP A 334 8.84 -18.19 17.71
N ASP A 335 8.72 -19.30 18.45
CA ASP A 335 8.43 -20.59 17.86
C ASP A 335 6.96 -20.61 17.42
N ILE A 336 6.69 -21.18 16.25
CA ILE A 336 5.33 -21.43 15.79
C ILE A 336 5.15 -22.93 15.56
N PRO A 337 4.66 -23.66 16.57
CA PRO A 337 4.27 -25.05 16.37
C PRO A 337 3.07 -25.13 15.42
N SER A 338 3.03 -26.15 14.58
CA SER A 338 2.05 -26.23 13.51
C SER A 338 1.53 -27.65 13.31
N GLN A 339 0.22 -27.75 13.07
CA GLN A 339 -0.43 -29.01 12.79
C GLN A 339 -0.10 -29.46 11.38
N LEU A 340 0.29 -30.73 11.24
CA LEU A 340 0.46 -31.34 9.92
C LEU A 340 -0.93 -31.57 9.35
N GLY A 341 -1.06 -31.37 8.03
CA GLY A 341 -2.34 -31.43 7.36
C GLY A 341 -3.12 -30.11 7.36
N ARG A 342 -2.60 -29.08 8.03
CA ARG A 342 -3.26 -27.78 8.10
C ARG A 342 -2.36 -26.65 7.63
N TYR A 343 -2.89 -25.81 6.74
CA TYR A 343 -2.18 -24.67 6.18
C TYR A 343 -2.40 -23.47 7.08
N GLU A 344 -1.37 -23.07 7.82
CA GLU A 344 -1.48 -22.06 8.86
C GLU A 344 -1.42 -20.64 8.31
N PHE A 345 -2.45 -19.85 8.59
CA PHE A 345 -2.42 -18.41 8.39
C PHE A 345 -2.05 -17.79 9.74
N ILE A 346 -0.83 -17.28 9.83
CA ILE A 346 -0.28 -16.78 11.10
C ILE A 346 -0.12 -15.28 11.02
N LYS A 347 -0.72 -14.57 11.98
CA LYS A 347 -0.65 -13.12 12.02
C LYS A 347 0.69 -12.69 12.62
N ILE A 348 1.34 -11.74 11.96
CA ILE A 348 2.68 -11.28 12.32
C ILE A 348 2.68 -9.76 12.48
N TYR A 349 3.39 -9.24 13.50
CA TYR A 349 3.76 -7.84 13.49
C TYR A 349 5.23 -7.73 13.12
N TYR A 350 5.47 -7.18 11.93
CA TYR A 350 6.81 -6.99 11.41
C TYR A 350 7.34 -5.59 11.72
N GLU A 351 8.47 -5.53 12.41
CA GLU A 351 9.25 -4.29 12.55
C GLU A 351 10.72 -4.59 12.80
N ASN A 352 11.59 -3.77 12.20
CA ASN A 352 13.05 -3.88 12.34
C ASN A 352 13.59 -5.24 11.91
N GLY A 353 13.13 -5.72 10.76
CA GLY A 353 13.55 -7.01 10.23
C GLY A 353 13.19 -8.21 11.08
N ILE A 354 12.17 -8.09 11.93
CA ILE A 354 11.80 -9.15 12.87
C ILE A 354 10.30 -9.41 12.84
N ALA A 355 9.92 -10.67 12.63
CA ALA A 355 8.52 -11.10 12.64
C ALA A 355 8.10 -11.59 14.03
N ARG A 356 7.33 -10.77 14.74
CA ARG A 356 6.80 -11.11 16.06
C ARG A 356 5.42 -11.72 15.90
N VAL A 357 5.25 -12.96 16.36
CA VAL A 357 3.99 -13.68 16.20
C VAL A 357 2.94 -13.19 17.19
N ILE A 358 1.79 -12.77 16.68
CA ILE A 358 0.62 -12.51 17.51
C ILE A 358 -0.19 -13.78 17.61
N LYS A 359 -0.28 -14.32 18.82
CA LYS A 359 -1.13 -15.48 19.10
C LYS A 359 -2.39 -15.03 19.81
N LYS A 360 -3.54 -15.49 19.32
CA LYS A 360 -4.81 -15.31 20.03
C LYS A 360 -5.84 -16.37 19.59
N LYS A 361 -7.12 -16.03 19.64
CA LYS A 361 -8.22 -16.99 19.54
C LYS A 361 -9.16 -16.54 18.39
N GLY A 362 -10.39 -17.05 18.26
CA GLY A 362 -10.99 -18.09 19.09
C GLY A 362 -12.46 -17.82 19.43
N SER A 363 -12.95 -16.64 19.07
CA SER A 363 -14.39 -16.38 18.97
C SER A 363 -14.63 -15.30 17.92
N GLY A 364 -13.74 -15.25 16.93
CA GLY A 364 -13.68 -14.11 16.04
C GLY A 364 -13.31 -12.88 16.84
N ILE A 365 -12.14 -12.92 17.48
CA ILE A 365 -11.71 -11.81 18.32
C ILE A 365 -10.75 -10.87 17.56
N LEU A 366 -11.38 -9.82 17.06
CA LEU A 366 -10.82 -8.85 16.11
C LEU A 366 -9.50 -8.16 16.47
N SER A 367 -9.16 -8.10 17.76
CA SER A 367 -8.00 -7.31 18.21
C SER A 367 -6.63 -7.83 17.71
N SER A 368 -6.55 -9.14 17.42
CA SER A 368 -5.33 -9.72 16.86
C SER A 368 -5.07 -9.23 15.43
N LEU A 369 -6.14 -9.01 14.68
CA LEU A 369 -6.09 -8.34 13.37
C LEU A 369 -5.54 -6.90 13.48
N LEU A 370 -5.93 -6.19 14.54
CA LEU A 370 -5.47 -4.82 14.75
C LEU A 370 -3.98 -4.76 15.11
N ALA A 371 -3.51 -5.72 15.89
CA ALA A 371 -2.14 -5.72 16.38
C ALA A 371 -1.15 -6.29 15.37
N SER A 372 -1.66 -6.82 14.24
CA SER A 372 -0.81 -7.45 13.23
C SER A 372 -0.57 -6.57 12.02
N ASN A 373 0.51 -6.88 11.31
CA ASN A 373 1.06 -6.09 10.22
C ASN A 373 1.15 -6.87 8.91
N ALA A 374 0.98 -8.18 9.00
CA ALA A 374 1.43 -9.08 7.96
C ALA A 374 0.94 -10.48 8.26
N TYR A 375 1.26 -11.41 7.39
CA TYR A 375 0.99 -12.81 7.67
C TYR A 375 2.06 -13.74 7.11
N LEU A 376 2.17 -14.89 7.76
CA LEU A 376 3.08 -15.95 7.36
C LEU A 376 2.24 -17.17 7.02
N GLU A 377 2.62 -17.88 5.96
CA GLU A 377 1.94 -19.10 5.57
C GLU A 377 2.85 -20.30 5.82
N ILE A 378 2.34 -21.28 6.56
CA ILE A 378 3.05 -22.51 6.85
C ILE A 378 2.33 -23.65 6.14
N PRO A 379 2.96 -24.26 5.13
CA PRO A 379 2.36 -25.41 4.43
C PRO A 379 2.01 -26.60 5.33
N GLU A 380 1.26 -27.54 4.76
CA GLU A 380 0.72 -28.69 5.47
C GLU A 380 1.80 -29.65 5.92
N ASP A 381 2.86 -29.78 5.12
CA ASP A 381 3.94 -30.72 5.39
C ASP A 381 5.01 -30.19 6.37
N SER A 382 4.70 -29.10 7.08
CA SER A 382 5.62 -28.49 8.03
C SER A 382 5.06 -28.59 9.45
N GLU A 383 5.92 -29.01 10.38
CA GLU A 383 5.55 -29.10 11.79
C GLU A 383 5.75 -27.78 12.53
N GLY A 384 6.36 -26.79 11.86
CA GLY A 384 6.55 -25.47 12.44
C GLY A 384 7.95 -24.92 12.28
N TYR A 385 8.12 -23.65 12.64
CA TYR A 385 9.41 -22.96 12.57
C TYR A 385 9.90 -22.57 13.95
N ARG A 386 11.22 -22.54 14.13
CA ARG A 386 11.85 -22.10 15.37
C ARG A 386 12.19 -20.63 15.28
N ARG A 387 12.37 -20.00 16.44
CA ARG A 387 12.87 -18.64 16.51
C ARG A 387 14.32 -18.63 16.03
N GLY A 388 14.67 -17.64 15.22
CA GLY A 388 15.97 -17.57 14.57
C GLY A 388 15.92 -17.92 13.10
N GLU A 389 14.99 -18.81 12.73
CA GLU A 389 14.76 -19.17 11.34
C GLU A 389 14.25 -17.97 10.56
N GLU A 390 14.79 -17.77 9.36
CA GLU A 390 14.29 -16.75 8.44
C GLU A 390 13.01 -17.24 7.76
N VAL A 391 12.03 -16.35 7.67
CA VAL A 391 10.73 -16.65 7.06
C VAL A 391 10.32 -15.56 6.09
N TRP A 392 9.44 -15.93 5.16
CA TRP A 392 8.88 -15.00 4.20
C TRP A 392 7.45 -14.66 4.62
N ILE A 393 7.15 -13.37 4.67
CA ILE A 393 5.84 -12.89 5.10
C ILE A 393 5.26 -11.94 4.07
N THR A 394 3.95 -11.75 4.11
CA THR A 394 3.25 -10.86 3.21
C THR A 394 2.71 -9.68 4.00
N LEU A 395 3.06 -8.48 3.58
CA LEU A 395 2.55 -7.27 4.23
C LEU A 395 1.06 -7.09 3.94
N TYR A 396 0.35 -6.54 4.93
CA TYR A 396 -1.05 -6.19 4.74
C TYR A 396 -1.14 -5.08 3.71
N LYS B 6 28.79 25.66 4.18
CA LYS B 6 28.29 25.33 2.82
C LYS B 6 26.90 24.67 2.90
N LEU B 7 26.84 23.35 2.70
CA LEU B 7 25.57 22.61 2.68
C LEU B 7 25.19 22.13 4.08
N VAL B 8 23.95 22.39 4.47
CA VAL B 8 23.41 21.92 5.75
C VAL B 8 23.18 20.40 5.65
N PRO B 9 23.78 19.61 6.54
CA PRO B 9 23.59 18.16 6.54
C PRO B 9 22.11 17.76 6.57
N TYR B 10 21.79 16.58 6.03
CA TYR B 10 20.39 16.19 5.87
C TYR B 10 19.67 16.04 7.20
N ARG B 11 20.31 15.36 8.16
CA ARG B 11 19.69 15.13 9.46
C ARG B 11 19.46 16.43 10.23
N GLU B 12 20.36 17.40 10.08
CA GLU B 12 20.19 18.70 10.71
C GLU B 12 19.08 19.51 10.04
N ALA B 13 18.99 19.41 8.71
CA ALA B 13 18.00 20.17 7.94
C ALA B 13 16.59 19.59 8.11
N LEU B 14 16.51 18.28 8.33
CA LEU B 14 15.24 17.62 8.61
C LEU B 14 14.70 18.03 9.97
N LYS B 15 15.60 18.14 10.95
CA LYS B 15 15.23 18.53 12.30
C LYS B 15 14.78 19.99 12.37
N LEU B 16 15.41 20.84 11.56
CA LEU B 16 15.05 22.27 11.52
C LEU B 16 13.67 22.46 10.90
N LEU B 17 13.38 21.69 9.85
CA LEU B 17 12.10 21.75 9.16
C LEU B 17 10.96 21.25 10.04
N LEU B 18 11.15 20.07 10.63
CA LEU B 18 10.10 19.42 11.42
C LEU B 18 9.82 20.13 12.75
N ASP B 19 10.82 20.79 13.31
CA ASP B 19 10.64 21.59 14.53
C ASP B 19 9.72 22.79 14.25
N ASP B 20 9.81 23.33 13.04
CA ASP B 20 8.93 24.41 12.60
C ASP B 20 7.51 23.94 12.29
N ILE B 21 7.36 22.66 11.93
CA ILE B 21 6.05 22.08 11.61
C ILE B 21 5.34 21.66 12.89
N ASN B 22 4.03 21.91 12.93
CA ASN B 22 3.20 21.58 14.10
C ASN B 22 2.02 20.69 13.74
N GLU B 23 1.61 19.87 14.69
CA GLU B 23 0.42 19.03 14.53
C GLU B 23 -0.81 19.94 14.46
N ILE B 24 -1.60 19.79 13.40
CA ILE B 24 -2.86 20.52 13.29
C ILE B 24 -3.85 19.95 14.30
N GLU B 25 -4.58 20.84 14.97
CA GLU B 25 -5.43 20.44 16.10
C GLU B 25 -6.89 20.21 15.68
N ASP B 26 -7.27 20.68 14.50
CA ASP B 26 -8.63 20.51 13.99
C ASP B 26 -8.96 19.04 13.73
N THR B 27 -10.17 18.64 14.09
CA THR B 27 -10.65 17.27 13.87
C THR B 27 -11.94 17.28 13.04
N GLU B 28 -12.44 16.09 12.76
CA GLU B 28 -13.54 15.91 11.81
C GLU B 28 -14.13 14.51 11.96
N LYS B 29 -15.46 14.41 11.92
CA LYS B 29 -16.14 13.13 12.09
C LYS B 29 -16.63 12.60 10.74
N VAL B 30 -15.96 11.55 10.24
CA VAL B 30 -16.28 10.95 8.94
C VAL B 30 -16.95 9.59 9.13
N PRO B 31 -17.89 9.24 8.25
CA PRO B 31 -18.52 7.91 8.30
C PRO B 31 -17.50 6.77 8.13
N LEU B 32 -17.81 5.60 8.68
CA LEU B 32 -16.94 4.41 8.56
C LEU B 32 -16.65 4.04 7.11
N ARG B 33 -17.62 4.31 6.22
CA ARG B 33 -17.52 3.95 4.80
C ARG B 33 -16.40 4.67 4.05
N GLU B 34 -15.97 5.83 4.56
CA GLU B 34 -14.88 6.59 3.95
C GLU B 34 -13.75 6.85 4.94
N ALA B 35 -13.61 5.98 5.94
CA ALA B 35 -12.66 6.18 7.02
C ALA B 35 -11.26 5.62 6.73
N VAL B 36 -11.18 4.65 5.82
CA VAL B 36 -9.91 3.97 5.53
C VAL B 36 -8.90 4.94 4.91
N GLY B 37 -7.74 5.05 5.56
CA GLY B 37 -6.66 5.91 5.10
C GLY B 37 -6.56 7.19 5.90
N ARG B 38 -7.58 7.47 6.70
CA ARG B 38 -7.64 8.66 7.55
C ARG B 38 -6.92 8.41 8.86
N VAL B 39 -6.44 9.47 9.50
CA VAL B 39 -5.59 9.36 10.68
C VAL B 39 -6.37 9.72 11.95
N LEU B 40 -6.32 8.84 12.95
CA LEU B 40 -7.12 8.96 14.15
C LEU B 40 -6.70 10.16 14.99
N ALA B 41 -7.67 11.03 15.32
CA ALA B 41 -7.39 12.26 16.05
C ALA B 41 -6.97 11.97 17.49
N GLU B 42 -7.62 10.98 18.10
CA GLU B 42 -7.37 10.62 19.48
C GLU B 42 -7.46 9.10 19.69
N ASP B 43 -7.07 8.67 20.89
CA ASP B 43 -7.32 7.30 21.33
C ASP B 43 -8.81 7.05 21.31
N ILE B 44 -9.19 5.79 21.12
CA ILE B 44 -10.60 5.39 21.15
C ILE B 44 -10.75 4.26 22.16
N VAL B 45 -11.45 4.55 23.25
CA VAL B 45 -11.72 3.55 24.30
C VAL B 45 -13.09 2.90 24.10
N THR B 46 -13.15 1.60 24.39
CA THR B 46 -14.38 0.82 24.30
C THR B 46 -15.26 1.10 25.52
N GLU B 47 -16.57 1.11 25.33
CA GLU B 47 -17.52 1.29 26.43
C GLU B 47 -18.20 -0.04 26.81
N PHE B 48 -17.95 -1.09 26.02
CA PHE B 48 -18.48 -2.42 26.28
C PHE B 48 -17.37 -3.48 26.30
N ASP B 49 -17.59 -4.55 27.05
CA ASP B 49 -16.78 -5.76 26.89
C ASP B 49 -17.14 -6.40 25.55
N ILE B 50 -16.13 -6.99 24.90
CA ILE B 50 -16.30 -7.72 23.65
C ILE B 50 -15.52 -9.04 23.76
N PRO B 51 -16.19 -10.20 23.70
CA PRO B 51 -17.65 -10.30 23.55
C PRO B 51 -18.39 -9.70 24.76
N PRO B 52 -19.63 -9.26 24.54
CA PRO B 52 -20.43 -8.66 25.61
C PRO B 52 -20.90 -9.68 26.65
N PHE B 53 -21.03 -10.94 26.25
CA PHE B 53 -21.44 -12.02 27.16
C PHE B 53 -20.64 -13.30 26.89
N ASP B 54 -20.71 -14.24 27.83
CA ASP B 54 -20.09 -15.56 27.66
C ASP B 54 -20.87 -16.30 26.59
N ARG B 55 -20.17 -16.76 25.56
CA ARG B 55 -20.79 -17.56 24.50
C ARG B 55 -19.97 -18.82 24.22
N ALA B 56 -20.57 -19.76 23.50
CA ALA B 56 -19.90 -20.99 23.13
C ALA B 56 -18.87 -20.71 22.04
N ALA B 57 -17.74 -21.40 22.10
CA ALA B 57 -16.70 -21.29 21.07
C ALA B 57 -16.84 -22.44 20.08
N VAL B 58 -17.86 -23.27 20.28
CA VAL B 58 -18.05 -24.48 19.48
C VAL B 58 -19.52 -24.94 19.47
N ASP B 59 -19.90 -25.67 18.42
CA ASP B 59 -21.20 -26.32 18.38
C ASP B 59 -21.16 -27.51 19.31
N GLY B 60 -22.06 -27.56 20.28
CA GLY B 60 -22.07 -28.64 21.25
C GLY B 60 -23.18 -28.57 22.27
N TYR B 61 -22.85 -28.85 23.53
CA TYR B 61 -23.83 -28.97 24.60
C TYR B 61 -23.31 -28.29 25.85
N ALA B 62 -23.99 -27.23 26.29
CA ALA B 62 -23.69 -26.58 27.55
C ALA B 62 -24.06 -27.52 28.68
N ILE B 63 -23.07 -27.82 29.53
CA ILE B 63 -23.26 -28.74 30.65
C ILE B 63 -22.65 -28.17 31.92
N ARG B 64 -22.78 -28.91 33.01
CA ARG B 64 -21.99 -28.69 34.21
C ARG B 64 -20.78 -29.63 34.15
N ALA B 65 -19.59 -29.07 34.30
CA ALA B 65 -18.34 -29.80 34.10
C ALA B 65 -18.14 -30.94 35.09
N GLU B 66 -18.65 -30.79 36.30
CA GLU B 66 -18.38 -31.74 37.39
C GLU B 66 -19.18 -33.03 37.25
N ASP B 67 -20.22 -33.02 36.42
CA ASP B 67 -20.95 -34.24 36.08
C ASP B 67 -20.07 -35.23 35.31
N THR B 68 -19.05 -34.72 34.62
CA THR B 68 -18.20 -35.52 33.74
C THR B 68 -16.86 -35.93 34.36
N PHE B 69 -16.63 -35.58 35.62
CA PHE B 69 -15.33 -35.83 36.24
C PHE B 69 -15.00 -37.32 36.35
N GLN B 70 -16.02 -38.16 36.53
CA GLN B 70 -15.84 -39.61 36.63
C GLN B 70 -15.92 -40.32 35.28
N ALA B 71 -16.24 -39.57 34.22
CA ALA B 71 -16.43 -40.12 32.88
C ALA B 71 -15.17 -40.77 32.32
N ARG B 72 -15.28 -42.07 32.02
CA ARG B 72 -14.26 -42.82 31.29
C ARG B 72 -14.91 -43.41 30.05
N GLU B 73 -14.10 -44.01 29.17
CA GLU B 73 -14.62 -44.72 28.01
C GLU B 73 -15.37 -46.00 28.44
N TYR B 74 -14.99 -46.52 29.60
CA TYR B 74 -15.63 -47.69 30.22
C TYR B 74 -16.58 -47.27 31.35
N ASN B 75 -16.94 -46.00 31.37
CA ASN B 75 -17.89 -45.47 32.36
C ASN B 75 -18.59 -44.23 31.80
N PRO B 76 -19.39 -44.41 30.75
CA PRO B 76 -20.10 -43.28 30.13
C PRO B 76 -21.14 -42.68 31.08
N ILE B 77 -21.25 -41.37 31.07
CA ILE B 77 -22.21 -40.67 31.93
C ILE B 77 -23.30 -40.08 31.06
N GLU B 78 -24.54 -40.29 31.49
CA GLU B 78 -25.71 -39.88 30.73
C GLU B 78 -26.18 -38.49 31.17
N LEU B 79 -26.30 -37.58 30.21
CA LEU B 79 -26.96 -36.30 30.43
C LEU B 79 -28.19 -36.22 29.53
N THR B 80 -29.16 -35.42 29.93
CA THR B 80 -30.44 -35.33 29.25
C THR B 80 -30.55 -33.96 28.58
N VAL B 81 -30.66 -33.96 27.26
CA VAL B 81 -30.86 -32.73 26.50
C VAL B 81 -32.29 -32.23 26.73
N ILE B 82 -32.41 -31.13 27.48
CA ILE B 82 -33.70 -30.54 27.84
C ILE B 82 -34.12 -29.42 26.92
N GLU B 83 -33.20 -28.95 26.08
CA GLU B 83 -33.46 -27.84 25.17
C GLU B 83 -32.46 -27.76 24.03
N GLU B 84 -32.92 -27.27 22.89
CA GLU B 84 -32.07 -27.02 21.74
C GLU B 84 -32.29 -25.57 21.30
N VAL B 85 -31.28 -24.74 21.55
CA VAL B 85 -31.36 -23.31 21.27
C VAL B 85 -31.12 -23.07 19.77
N PRO B 86 -32.06 -22.41 19.09
CA PRO B 86 -31.86 -22.04 17.69
C PRO B 86 -30.94 -20.83 17.56
N ALA B 87 -30.34 -20.64 16.39
CA ALA B 87 -29.35 -19.56 16.20
C ALA B 87 -29.96 -18.20 16.47
N GLY B 88 -29.30 -17.41 17.32
CA GLY B 88 -29.72 -16.05 17.63
C GLY B 88 -30.48 -15.90 18.94
N ASN B 89 -31.13 -16.98 19.36
CA ASN B 89 -31.89 -16.99 20.62
C ASN B 89 -31.01 -17.35 21.81
N VAL B 90 -31.53 -17.08 23.00
CA VAL B 90 -30.93 -17.51 24.25
C VAL B 90 -31.75 -18.65 24.82
N ALA B 91 -31.13 -19.49 25.64
CA ALA B 91 -31.82 -20.58 26.31
C ALA B 91 -32.92 -20.04 27.22
N LYS B 92 -34.09 -20.67 27.16
CA LYS B 92 -35.20 -20.38 28.06
C LYS B 92 -35.06 -21.20 29.34
N GLU B 93 -34.22 -22.23 29.26
CA GLU B 93 -34.07 -23.22 30.33
C GLU B 93 -32.70 -23.09 31.01
N GLU B 94 -32.59 -23.67 32.20
CA GLU B 94 -31.37 -23.62 33.01
C GLU B 94 -30.71 -25.00 33.04
N VAL B 95 -29.39 -25.04 32.85
CA VAL B 95 -28.61 -26.26 33.01
C VAL B 95 -28.37 -26.53 34.50
N THR B 96 -28.88 -27.66 34.99
CA THR B 96 -28.58 -28.15 36.34
C THR B 96 -27.91 -29.52 36.23
N THR B 97 -27.66 -30.15 37.38
CA THR B 97 -27.02 -31.48 37.42
C THR B 97 -27.75 -32.50 36.54
N GLY B 98 -26.99 -33.19 35.69
CA GLY B 98 -27.51 -34.22 34.81
C GLY B 98 -28.15 -33.73 33.52
N LYS B 99 -28.01 -32.43 33.23
CA LYS B 99 -28.71 -31.82 32.10
C LYS B 99 -27.75 -31.16 31.11
N ALA B 100 -28.22 -31.02 29.87
CA ALA B 100 -27.47 -30.39 28.79
C ALA B 100 -28.41 -29.59 27.89
N ILE B 101 -27.90 -28.49 27.33
CA ILE B 101 -28.65 -27.69 26.36
C ILE B 101 -27.80 -27.54 25.10
N LYS B 102 -28.29 -28.05 23.98
CA LYS B 102 -27.59 -27.91 22.70
C LYS B 102 -27.49 -26.44 22.29
N VAL B 103 -26.28 -26.02 21.97
CA VAL B 103 -25.99 -24.65 21.55
C VAL B 103 -25.10 -24.66 20.31
N LEU B 104 -25.22 -23.62 19.51
CA LEU B 104 -24.34 -23.41 18.37
C LEU B 104 -23.25 -22.43 18.78
N THR B 105 -22.29 -22.20 17.90
CA THR B 105 -21.20 -21.26 18.17
C THR B 105 -21.76 -19.84 18.20
N GLY B 106 -21.44 -19.11 19.27
CA GLY B 106 -21.90 -17.74 19.43
C GLY B 106 -23.04 -17.60 20.42
N THR B 107 -23.74 -18.71 20.70
CA THR B 107 -24.88 -18.71 21.61
C THR B 107 -24.46 -18.36 23.02
N ARG B 108 -25.26 -17.53 23.68
CA ARG B 108 -25.03 -17.18 25.08
C ARG B 108 -25.10 -18.44 25.92
N ILE B 109 -24.17 -18.58 26.86
CA ILE B 109 -24.13 -19.74 27.73
C ILE B 109 -25.32 -19.67 28.67
N PRO B 110 -26.17 -20.70 28.67
CA PRO B 110 -27.33 -20.74 29.56
C PRO B 110 -26.92 -20.64 31.02
N LYS B 111 -27.75 -19.99 31.84
CA LYS B 111 -27.63 -20.00 33.29
C LYS B 111 -27.37 -21.42 33.80
N GLY B 112 -26.39 -21.57 34.69
CA GLY B 112 -26.13 -22.83 35.38
C GLY B 112 -25.02 -23.67 34.77
N ALA B 113 -24.82 -23.53 33.46
CA ALA B 113 -23.73 -24.21 32.76
C ALA B 113 -22.41 -23.48 32.96
N ASN B 114 -21.32 -24.24 33.00
CA ASN B 114 -19.98 -23.68 33.09
C ASN B 114 -18.99 -24.21 32.05
N ALA B 115 -19.45 -25.06 31.14
CA ALA B 115 -18.60 -25.60 30.05
C ALA B 115 -19.44 -26.07 28.87
N VAL B 116 -18.78 -26.27 27.73
CA VAL B 116 -19.43 -26.74 26.51
C VAL B 116 -18.60 -27.86 25.90
N ILE B 117 -19.18 -29.06 25.79
CA ILE B 117 -18.52 -30.18 25.11
C ILE B 117 -18.91 -30.18 23.64
N GLN B 119 -19.89 -31.39 19.91
CA GLN B 119 -20.86 -32.39 19.44
C GLN B 119 -20.16 -33.65 18.93
N GLU B 120 -18.97 -33.47 18.35
CA GLU B 120 -18.16 -34.56 17.83
C GLU B 120 -17.72 -35.53 18.94
N VAL B 122 -19.40 -36.41 21.79
CA VAL B 122 -20.47 -37.19 22.41
C VAL B 122 -21.30 -37.94 21.37
N LYS B 123 -22.13 -38.86 21.84
CA LYS B 123 -23.03 -39.62 20.99
C LYS B 123 -24.48 -39.30 21.36
N ARG B 124 -25.28 -38.95 20.35
CA ARG B 124 -26.67 -38.55 20.57
C ARG B 124 -27.63 -39.70 20.27
N GLU B 125 -28.29 -40.22 21.31
CA GLU B 125 -29.32 -41.25 21.17
C GLU B 125 -30.61 -40.78 21.85
N GLY B 126 -31.52 -40.23 21.04
CA GLY B 126 -32.80 -39.73 21.54
C GLY B 126 -32.65 -38.34 22.14
N ASP B 127 -33.08 -38.18 23.38
CA ASP B 127 -32.92 -36.92 24.12
C ASP B 127 -31.77 -37.02 25.14
N LYS B 128 -30.72 -37.75 24.77
CA LYS B 128 -29.62 -38.04 25.68
C LYS B 128 -28.26 -38.02 24.99
N ILE B 129 -27.25 -37.52 25.70
CA ILE B 129 -25.86 -37.57 25.22
C ILE B 129 -25.02 -38.43 26.17
N TYR B 130 -23.89 -38.92 25.67
CA TYR B 130 -23.02 -39.77 26.49
C TYR B 130 -21.58 -39.26 26.44
N VAL B 131 -21.08 -38.88 27.62
CA VAL B 131 -19.77 -38.28 27.77
C VAL B 131 -18.79 -39.35 28.24
N LEU B 132 -17.75 -39.58 27.43
CA LEU B 132 -16.77 -40.62 27.69
C LEU B 132 -15.46 -40.06 28.25
N ARG B 133 -15.39 -38.75 28.40
CA ARG B 133 -14.15 -38.07 28.79
C ARG B 133 -14.45 -36.84 29.65
N PRO B 134 -13.67 -36.61 30.70
CA PRO B 134 -13.89 -35.43 31.56
C PRO B 134 -13.70 -34.12 30.82
N VAL B 135 -14.48 -33.12 31.20
CA VAL B 135 -14.35 -31.76 30.66
C VAL B 135 -14.15 -30.80 31.83
N ALA B 136 -13.22 -29.88 31.68
CA ALA B 136 -12.92 -28.91 32.74
C ALA B 136 -13.92 -27.77 32.72
N PRO B 137 -14.13 -27.10 33.86
CA PRO B 137 -14.91 -25.86 33.89
C PRO B 137 -14.33 -24.78 32.96
N GLY B 138 -15.19 -24.18 32.16
CA GLY B 138 -14.81 -23.11 31.24
C GLY B 138 -14.43 -23.59 29.84
N GLN B 139 -14.45 -24.90 29.62
CA GLN B 139 -14.02 -25.48 28.36
C GLN B 139 -14.92 -25.03 27.20
N ASN B 140 -14.30 -24.67 26.07
CA ASN B 140 -15.02 -24.19 24.90
C ASN B 140 -16.03 -23.07 25.22
N ILE B 141 -15.59 -22.11 26.03
CA ILE B 141 -16.37 -20.90 26.32
C ILE B 141 -15.53 -19.68 26.03
N ALA B 142 -15.96 -18.88 25.06
CA ALA B 142 -15.40 -17.55 24.83
C ALA B 142 -15.96 -16.59 25.88
N PHE B 143 -15.14 -16.29 26.90
CA PHE B 143 -15.59 -15.47 28.03
C PHE B 143 -15.72 -13.99 27.67
N THR B 144 -16.44 -13.26 28.53
CA THR B 144 -16.69 -11.84 28.34
C THR B 144 -15.38 -11.05 28.35
N GLY B 145 -15.14 -10.27 27.31
CA GLY B 145 -14.00 -9.37 27.25
C GLY B 145 -12.68 -10.00 26.88
N GLU B 146 -12.69 -11.23 26.38
CA GLU B 146 -11.45 -11.92 25.99
C GLU B 146 -10.79 -11.27 24.76
N ASP B 147 -11.59 -10.55 23.97
CA ASP B 147 -11.08 -9.73 22.88
C ASP B 147 -10.63 -8.37 23.43
N VAL B 148 -11.57 -7.64 24.02
CA VAL B 148 -11.35 -6.28 24.49
C VAL B 148 -12.20 -6.02 25.74
N LYS B 149 -11.59 -5.44 26.77
CA LYS B 149 -12.29 -5.14 28.02
C LYS B 149 -12.77 -3.68 28.06
N LYS B 150 -13.71 -3.40 28.95
CA LYS B 150 -14.30 -2.07 29.08
C LYS B 150 -13.25 -1.06 29.55
N GLY B 151 -13.15 0.07 28.88
CA GLY B 151 -12.21 1.11 29.24
C GLY B 151 -10.83 0.98 28.60
N GLU B 152 -10.59 -0.10 27.87
CA GLU B 152 -9.31 -0.31 27.19
C GLU B 152 -9.22 0.55 25.94
N VAL B 153 -8.02 1.07 25.67
CA VAL B 153 -7.72 1.71 24.39
C VAL B 153 -7.57 0.61 23.33
N VAL B 154 -8.49 0.58 22.37
CA VAL B 154 -8.45 -0.40 21.28
C VAL B 154 -7.78 0.13 20.01
N LEU B 155 -7.82 1.45 19.80
CA LEU B 155 -7.16 2.07 18.67
C LEU B 155 -6.38 3.30 19.10
N ARG B 156 -5.12 3.39 18.67
CA ARG B 156 -4.22 4.44 19.12
C ARG B 156 -4.36 5.71 18.30
N LYS B 157 -4.07 6.84 18.92
CA LYS B 157 -3.97 8.12 18.24
C LYS B 157 -2.95 8.00 17.11
N GLY B 158 -3.33 8.46 15.93
CA GLY B 158 -2.44 8.49 14.80
C GLY B 158 -2.43 7.20 13.99
N THR B 159 -3.34 6.29 14.28
CA THR B 159 -3.48 5.08 13.49
C THR B 159 -4.05 5.42 12.12
N ILE B 160 -3.37 4.98 11.07
CA ILE B 160 -3.87 5.08 9.72
C ILE B 160 -4.87 3.95 9.55
N LEU B 161 -6.14 4.29 9.41
CA LEU B 161 -7.20 3.30 9.49
C LEU B 161 -7.20 2.31 8.32
N ARG B 162 -7.39 1.04 8.64
CA ARG B 162 -7.42 -0.04 7.67
C ARG B 162 -8.78 -0.71 7.78
N PRO B 163 -9.15 -1.58 6.83
CA PRO B 163 -10.42 -2.29 6.93
C PRO B 163 -10.71 -2.92 8.30
N GLN B 164 -9.72 -3.54 8.94
CA GLN B 164 -9.92 -4.21 10.23
C GLN B 164 -10.11 -3.23 11.39
N ASP B 165 -9.45 -2.08 11.33
CA ASP B 165 -9.62 -1.04 12.35
C ASP B 165 -11.03 -0.48 12.31
N VAL B 166 -11.53 -0.28 11.10
CA VAL B 166 -12.87 0.24 10.88
C VAL B 166 -13.89 -0.80 11.37
N ALA B 167 -13.53 -2.08 11.25
CA ALA B 167 -14.32 -3.17 11.80
C ALA B 167 -14.50 -3.03 13.31
N LEU B 169 -14.26 -0.28 15.00
CA LEU B 169 -15.06 0.91 15.25
C LEU B 169 -16.55 0.59 15.17
N LYS B 170 -16.93 -0.25 14.21
CA LYS B 170 -18.31 -0.69 14.04
C LYS B 170 -18.75 -1.53 15.25
N ALA B 171 -17.85 -2.38 15.73
CA ALA B 171 -18.11 -3.21 16.90
C ALA B 171 -18.31 -2.38 18.17
N LEU B 172 -17.69 -1.20 18.20
CA LEU B 172 -17.78 -0.28 19.33
C LEU B 172 -19.00 0.64 19.26
N GLY B 173 -19.72 0.63 18.13
CA GLY B 173 -20.90 1.45 17.95
C GLY B 173 -20.61 2.86 17.46
N ILE B 174 -19.42 3.06 16.90
CA ILE B 174 -19.02 4.36 16.35
C ILE B 174 -19.42 4.44 14.88
N LYS B 175 -20.37 5.32 14.59
CA LYS B 175 -20.85 5.51 13.21
C LYS B 175 -19.98 6.53 12.48
N LYS B 176 -19.53 7.56 13.19
CA LYS B 176 -18.63 8.57 12.64
C LYS B 176 -17.40 8.73 13.55
N VAL B 177 -16.22 8.51 12.97
CA VAL B 177 -14.97 8.47 13.72
C VAL B 177 -14.21 9.79 13.62
N PRO B 178 -13.74 10.33 14.76
CA PRO B 178 -12.91 11.54 14.76
C PRO B 178 -11.50 11.31 14.19
N VAL B 179 -11.23 11.89 13.03
CA VAL B 179 -9.92 11.88 12.39
C VAL B 179 -9.42 13.30 12.17
N LYS B 180 -8.11 13.45 12.00
CA LYS B 180 -7.50 14.75 11.70
C LYS B 180 -8.03 15.29 10.37
N VAL B 181 -8.27 16.59 10.30
CA VAL B 181 -8.58 17.25 9.03
C VAL B 181 -7.33 17.16 8.16
N LYS B 182 -7.52 16.93 6.87
CA LYS B 182 -6.41 16.81 5.94
C LYS B 182 -5.66 18.15 5.84
N PRO B 183 -4.36 18.14 6.09
CA PRO B 183 -3.52 19.32 5.87
C PRO B 183 -3.58 19.81 4.44
N LYS B 184 -3.93 21.08 4.25
CA LYS B 184 -4.01 21.69 2.93
C LYS B 184 -2.61 22.03 2.42
N VAL B 185 -2.32 21.67 1.18
CA VAL B 185 -0.98 21.81 0.62
C VAL B 185 -1.01 22.53 -0.72
N GLY B 186 -0.70 23.83 -0.72
CA GLY B 186 -0.56 24.60 -1.93
C GLY B 186 0.56 24.09 -2.82
N ILE B 187 0.37 24.17 -4.13
CA ILE B 187 1.35 23.70 -5.11
C ILE B 187 1.49 24.75 -6.21
N ILE B 188 2.65 25.40 -6.28
CA ILE B 188 2.93 26.46 -7.25
C ILE B 188 4.08 26.01 -8.15
N ILE B 189 3.88 26.11 -9.46
CA ILE B 189 4.90 25.70 -10.43
C ILE B 189 5.49 26.92 -11.13
N THR B 190 6.80 27.12 -11.00
CA THR B 190 7.50 28.15 -11.75
C THR B 190 8.32 27.52 -12.87
N GLY B 191 8.60 28.33 -13.89
CA GLY B 191 9.36 27.87 -15.05
C GLY B 191 8.80 28.48 -16.32
N SER B 192 9.67 29.13 -17.08
CA SER B 192 9.26 29.81 -18.32
C SER B 192 9.19 28.86 -19.52
N GLU B 193 9.86 27.71 -19.44
CA GLU B 193 9.89 26.75 -20.54
C GLU B 193 8.81 25.66 -20.43
N LEU B 194 7.89 25.79 -19.48
CA LEU B 194 6.85 24.77 -19.28
C LEU B 194 5.73 24.86 -20.31
N ILE B 195 5.32 23.71 -20.82
CA ILE B 195 4.09 23.56 -21.61
C ILE B 195 3.20 22.50 -20.95
N GLU B 196 1.97 22.38 -21.45
CA GLU B 196 0.95 21.53 -20.82
C GLU B 196 0.83 20.14 -21.47
N GLU B 197 1.21 20.03 -22.74
CA GLU B 197 1.10 18.76 -23.45
C GLU B 197 2.10 18.64 -24.62
N PRO B 198 2.50 17.42 -24.97
CA PRO B 198 3.53 17.20 -25.99
C PRO B 198 3.12 17.55 -27.42
N SER B 199 1.82 17.62 -27.70
CA SER B 199 1.33 17.95 -29.04
C SER B 199 1.48 19.45 -29.37
N GLU B 200 1.68 20.28 -28.36
CA GLU B 200 1.94 21.71 -28.57
C GLU B 200 3.23 21.90 -29.37
N GLU B 201 3.28 23.00 -30.13
CA GLU B 201 4.44 23.30 -30.97
C GLU B 201 5.71 23.57 -30.17
N GLY B 202 5.56 24.04 -28.94
CA GLY B 202 6.69 24.30 -28.06
C GLY B 202 7.52 23.07 -27.72
N PHE B 203 6.90 21.90 -27.74
CA PHE B 203 7.55 20.65 -27.36
C PHE B 203 8.78 20.31 -28.23
N LYS B 204 8.65 20.51 -29.54
CA LYS B 204 9.74 20.19 -30.47
C LYS B 204 10.89 21.19 -30.41
N GLU B 205 10.63 22.38 -29.86
CA GLU B 205 11.68 23.38 -29.65
C GLU B 205 12.43 23.20 -28.33
N GLY B 206 11.90 22.37 -27.44
CA GLY B 206 12.55 22.07 -26.17
C GLY B 206 11.75 22.43 -24.92
N LYS B 207 10.53 22.92 -25.07
CA LYS B 207 9.66 23.16 -23.93
C LYS B 207 9.28 21.84 -23.28
N ILE B 208 9.30 21.79 -21.96
CA ILE B 208 9.11 20.56 -21.19
C ILE B 208 7.68 20.43 -20.69
N VAL B 209 7.08 19.26 -20.87
CA VAL B 209 5.74 19.00 -20.35
C VAL B 209 5.79 19.03 -18.81
N GLU B 210 4.82 19.71 -18.22
CA GLU B 210 4.79 19.98 -16.79
C GLU B 210 4.11 18.81 -16.09
N THR B 211 4.90 17.99 -15.39
CA THR B 211 4.38 16.80 -14.73
C THR B 211 4.49 16.80 -13.21
N ASN B 212 5.25 17.75 -12.65
CA ASN B 212 5.46 17.83 -11.21
C ASN B 212 4.22 18.21 -10.41
N SER B 213 3.26 18.88 -11.06
CA SER B 213 2.03 19.27 -10.40
C SER B 213 1.17 18.06 -10.08
N ILE B 214 0.89 17.25 -11.10
CA ILE B 214 0.05 16.06 -10.95
C ILE B 214 0.74 14.99 -10.10
N LEU B 216 2.77 15.63 -7.61
CA LEU B 216 2.71 16.11 -6.23
C LEU B 216 1.29 16.02 -5.67
N GLN B 217 0.28 16.13 -6.54
CA GLN B 217 -1.12 15.96 -6.13
C GLN B 217 -1.36 14.54 -5.63
N GLY B 218 -0.81 13.58 -6.36
CA GLY B 218 -0.93 12.18 -6.00
C GLY B 218 -0.11 11.85 -4.78
N LEU B 219 1.00 12.55 -4.61
CA LEU B 219 1.93 12.32 -3.50
C LEU B 219 1.35 12.87 -2.19
N VAL B 220 0.72 14.03 -2.26
CA VAL B 220 0.09 14.66 -1.12
C VAL B 220 -1.11 13.81 -0.66
N GLU B 221 -1.96 13.43 -1.60
CA GLU B 221 -3.13 12.60 -1.29
C GLU B 221 -2.76 11.24 -0.71
N LYS B 222 -1.65 10.69 -1.16
CA LYS B 222 -1.14 9.41 -0.65
C LYS B 222 -0.73 9.55 0.82
N PHE B 223 -0.12 10.68 1.15
CA PHE B 223 0.33 10.94 2.52
C PHE B 223 -0.48 12.06 3.20
N PHE B 224 -1.78 11.81 3.36
CA PHE B 224 -2.64 12.48 4.35
C PHE B 224 -3.17 13.89 4.02
N GLY B 225 -2.67 14.51 2.95
CA GLY B 225 -3.03 15.88 2.63
C GLY B 225 -4.05 16.06 1.52
N GLU B 226 -4.54 17.30 1.38
CA GLU B 226 -5.41 17.71 0.29
C GLU B 226 -4.62 18.73 -0.54
N PRO B 227 -4.34 18.42 -1.80
CA PRO B 227 -3.60 19.35 -2.67
C PRO B 227 -4.49 20.46 -3.24
N ILE B 228 -3.99 21.69 -3.22
CA ILE B 228 -4.67 22.85 -3.79
C ILE B 228 -3.80 23.46 -4.87
N LEU B 229 -4.32 23.52 -6.09
CA LEU B 229 -3.56 23.95 -7.25
C LEU B 229 -3.58 25.47 -7.44
N TYR B 230 -2.41 26.06 -7.67
CA TYR B 230 -2.31 27.48 -7.99
C TYR B 230 -1.73 27.69 -9.40
N GLY B 231 -1.58 26.60 -10.16
CA GLY B 231 -1.21 26.66 -11.56
C GLY B 231 0.21 27.10 -11.85
N VAL B 232 0.55 27.13 -13.14
CA VAL B 232 1.86 27.57 -13.60
C VAL B 232 1.82 29.08 -13.73
N LEU B 233 2.64 29.77 -12.94
CA LEU B 233 2.62 31.23 -12.87
C LEU B 233 3.84 31.85 -13.58
N PRO B 234 3.62 32.97 -14.28
CA PRO B 234 4.66 33.57 -15.12
C PRO B 234 5.77 34.27 -14.33
N ASP B 235 6.73 34.86 -15.06
CA ASP B 235 7.84 35.59 -14.46
C ASP B 235 7.45 37.05 -14.26
N ASP B 236 6.95 37.37 -13.06
CA ASP B 236 6.42 38.72 -12.78
C ASP B 236 6.29 38.99 -11.26
N GLU B 237 5.58 40.08 -10.92
CA GLU B 237 5.23 40.38 -9.53
C GLU B 237 4.20 39.40 -8.96
N SER B 238 3.45 38.75 -9.84
CA SER B 238 2.43 37.78 -9.44
C SER B 238 2.99 36.55 -8.73
N ILE B 239 4.29 36.31 -8.82
CA ILE B 239 4.93 35.21 -8.10
C ILE B 239 5.00 35.56 -6.62
N ILE B 240 5.80 36.57 -6.32
CA ILE B 240 6.21 36.86 -4.95
C ILE B 240 5.11 37.62 -4.19
N LYS B 241 4.40 36.86 -3.36
CA LYS B 241 3.40 37.39 -2.43
C LYS B 241 2.15 37.95 -3.10
N GLU B 242 1.83 37.44 -4.28
CA GLU B 242 0.48 37.56 -4.84
C GLU B 242 -0.13 36.17 -4.75
N THR B 243 0.51 35.22 -5.43
CA THR B 243 0.12 33.81 -5.37
C THR B 243 0.69 33.16 -4.11
N LEU B 244 1.90 33.57 -3.72
CA LEU B 244 2.58 32.97 -2.57
C LEU B 244 1.97 33.38 -1.23
N GLU B 245 1.46 34.61 -1.15
CA GLU B 245 0.82 35.09 0.09
C GLU B 245 -0.58 34.51 0.20
N LYS B 246 -1.30 34.49 -0.91
CA LYS B 246 -2.63 33.88 -0.98
C LYS B 246 -2.58 32.39 -0.61
N ALA B 247 -1.52 31.72 -1.04
CA ALA B 247 -1.34 30.29 -0.80
C ALA B 247 -0.97 30.01 0.65
N LYS B 248 -0.25 30.94 1.27
CA LYS B 248 0.15 30.79 2.67
C LYS B 248 -1.00 31.04 3.64
N ASN B 249 -2.04 31.74 3.18
CA ASN B 249 -3.23 32.01 3.97
C ASN B 249 -4.33 30.96 3.78
N GLU B 250 -4.38 30.37 2.59
CA GLU B 250 -5.40 29.36 2.25
C GLU B 250 -4.94 27.94 2.56
N CYS B 251 -3.64 27.76 2.77
CA CYS B 251 -3.06 26.43 3.02
C CYS B 251 -2.20 26.41 4.27
N ASP B 252 -1.94 25.22 4.78
CA ASP B 252 -1.08 25.02 5.94
C ASP B 252 0.40 25.03 5.54
N ILE B 253 0.73 24.30 4.46
CA ILE B 253 2.05 24.37 3.86
C ILE B 253 1.93 24.61 2.36
N VAL B 254 3.04 25.01 1.74
CA VAL B 254 3.06 25.34 0.32
C VAL B 254 4.32 24.76 -0.32
N LEU B 255 4.14 24.05 -1.42
CA LEU B 255 5.25 23.51 -2.20
C LEU B 255 5.39 24.36 -3.45
N ILE B 256 6.62 24.70 -3.81
CA ILE B 256 6.88 25.49 -5.01
C ILE B 256 8.08 24.91 -5.76
N THR B 257 7.83 24.36 -6.94
CA THR B 257 8.89 23.77 -7.76
C THR B 257 9.62 24.85 -8.55
N GLY B 258 10.90 24.61 -8.84
CA GLY B 258 11.73 25.57 -9.54
C GLY B 258 12.65 24.90 -10.54
N PHE B 271 9.51 36.14 -2.01
CA PHE B 271 10.46 35.29 -1.34
C PHE B 271 9.92 34.89 0.04
N VAL B 272 10.62 33.95 0.68
CA VAL B 272 10.27 33.49 2.02
C VAL B 272 11.41 33.82 2.98
N ASN B 273 11.06 34.06 4.25
CA ASN B 273 12.07 34.18 5.30
C ASN B 273 12.72 32.80 5.46
N LEU B 274 13.94 32.70 4.95
CA LEU B 274 14.57 31.42 4.66
C LEU B 274 15.23 30.78 5.89
N LEU B 275 14.70 29.66 6.33
CA LEU B 275 15.29 28.88 7.44
C LEU B 275 16.58 28.20 6.98
N PHE B 276 16.55 27.60 5.80
CA PHE B 276 17.76 27.07 5.18
C PHE B 276 17.59 26.89 3.66
N HIS B 277 18.71 26.74 2.98
CA HIS B 277 18.73 26.56 1.51
C HIS B 277 20.09 26.05 1.09
N GLY B 278 20.09 25.02 0.24
CA GLY B 278 21.32 24.33 -0.12
C GLY B 278 21.60 23.28 0.94
N THR B 279 21.02 22.10 0.75
CA THR B 279 21.19 20.98 1.65
C THR B 279 22.04 19.89 0.99
N THR B 280 22.40 18.87 1.75
CA THR B 280 23.41 17.91 1.33
C THR B 280 22.88 16.70 0.54
N ILE B 281 21.57 16.59 0.36
CA ILE B 281 20.99 15.43 -0.33
C ILE B 281 21.32 15.43 -1.83
N LYS B 282 21.32 14.24 -2.41
CA LYS B 282 21.68 14.04 -3.83
C LYS B 282 20.85 12.91 -4.42
N PRO B 283 19.94 13.21 -5.36
CA PRO B 283 19.74 14.55 -5.91
C PRO B 283 18.84 15.42 -5.02
N GLY B 284 18.64 16.66 -5.44
CA GLY B 284 17.82 17.62 -4.72
C GLY B 284 18.60 18.50 -3.76
N ARG B 285 19.82 18.85 -4.15
CA ARG B 285 20.70 19.70 -3.34
C ARG B 285 20.13 21.09 -3.04
N PRO B 286 19.56 21.78 -4.03
CA PRO B 286 19.01 23.12 -3.80
C PRO B 286 17.68 23.19 -3.05
N PHE B 287 17.32 22.14 -2.29
CA PHE B 287 16.13 22.16 -1.46
C PHE B 287 16.27 23.18 -0.32
N GLY B 288 15.16 23.85 -0.01
CA GLY B 288 15.11 24.82 1.07
C GLY B 288 13.73 24.89 1.69
N TYR B 289 13.66 25.36 2.93
CA TYR B 289 12.39 25.52 3.63
C TYR B 289 12.38 26.81 4.45
N GLY B 290 11.21 27.44 4.54
CA GLY B 290 11.04 28.67 5.30
C GLY B 290 9.57 29.04 5.50
N GLU B 291 9.19 29.23 6.75
CA GLU B 291 7.80 29.51 7.16
C GLU B 291 6.75 28.78 6.30
N LYS B 292 6.72 27.47 6.47
CA LYS B 292 5.73 26.57 5.87
C LYS B 292 5.83 26.39 4.35
N VAL B 293 6.86 26.99 3.72
CA VAL B 293 7.03 26.94 2.26
C VAL B 293 8.23 26.07 1.91
N PHE B 294 8.05 25.19 0.93
CA PHE B 294 9.06 24.22 0.54
C PHE B 294 9.55 24.54 -0.87
N ILE B 295 10.71 25.20 -0.98
CA ILE B 295 11.31 25.42 -2.30
C ILE B 295 11.96 24.13 -2.80
N SER B 297 12.88 21.32 -6.30
CA SER B 297 13.49 21.26 -7.62
C SER B 297 12.44 21.30 -8.73
N GLY B 298 12.90 21.40 -9.97
CA GLY B 298 12.05 21.27 -11.15
C GLY B 298 12.16 19.92 -11.82
N TYR B 299 13.22 19.16 -11.51
CA TYR B 299 13.42 17.82 -12.07
C TYR B 299 12.55 16.82 -11.32
N PRO B 300 11.77 16.00 -12.02
CA PRO B 300 10.93 14.98 -11.38
C PRO B 300 11.62 14.07 -10.36
N VAL B 301 12.83 13.59 -10.64
CA VAL B 301 13.55 12.71 -9.71
C VAL B 301 13.96 13.45 -8.43
N SER B 302 14.40 14.69 -8.59
CA SER B 302 14.78 15.53 -7.45
C SER B 302 13.58 15.90 -6.57
N VAL B 303 12.47 16.23 -7.21
CA VAL B 303 11.21 16.54 -6.52
C VAL B 303 10.68 15.31 -5.77
N PHE B 304 10.85 14.13 -6.35
CA PHE B 304 10.36 12.90 -5.74
C PHE B 304 11.20 12.56 -4.50
N ALA B 305 12.51 12.77 -4.60
CA ALA B 305 13.44 12.51 -3.51
C ALA B 305 13.25 13.51 -2.38
N GLN B 306 13.00 14.76 -2.73
CA GLN B 306 12.78 15.81 -1.75
C GLN B 306 11.48 15.58 -1.00
N PHE B 307 10.49 15.04 -1.70
CA PHE B 307 9.21 14.73 -1.07
C PHE B 307 9.38 13.62 -0.05
N ASN B 308 10.04 12.55 -0.44
CA ASN B 308 10.22 11.41 0.45
C ASN B 308 11.13 11.70 1.65
N LEU B 309 12.10 12.60 1.45
CA LEU B 309 13.10 12.90 2.48
C LEU B 309 12.69 14.04 3.40
N PHE B 310 11.69 14.83 3.01
CA PHE B 310 11.25 16.00 3.78
C PHE B 310 9.73 16.09 3.90
N VAL B 311 9.06 16.28 2.76
CA VAL B 311 7.63 16.62 2.75
C VAL B 311 6.75 15.50 3.33
N LYS B 312 7.10 14.24 3.06
CA LYS B 312 6.36 13.09 3.56
C LYS B 312 6.35 13.09 5.08
N HIS B 313 7.52 13.29 5.68
CA HIS B 313 7.67 13.30 7.13
C HIS B 313 6.98 14.49 7.80
N ALA B 314 6.87 15.60 7.07
CA ALA B 314 6.20 16.80 7.59
C ALA B 314 4.69 16.63 7.60
N LEU B 315 4.17 15.99 6.56
CA LEU B 315 2.74 15.67 6.48
C LEU B 315 2.36 14.68 7.58
N ALA B 316 3.24 13.71 7.83
CA ALA B 316 3.01 12.70 8.85
C ALA B 316 2.95 13.32 10.24
N LYS B 317 3.84 14.26 10.52
CA LYS B 317 3.86 14.96 11.80
C LYS B 317 2.62 15.83 11.98
N VAL B 319 -0.42 15.28 10.97
CA VAL B 319 -1.57 14.46 11.35
C VAL B 319 -1.25 13.45 12.46
N GLY B 320 -0.02 13.47 12.95
CA GLY B 320 0.42 12.55 13.99
C GLY B 320 0.43 11.10 13.58
N ALA B 321 0.50 10.84 12.27
CA ALA B 321 0.47 9.49 11.74
C ALA B 321 1.60 8.64 12.30
N GLN B 322 1.30 7.38 12.58
CA GLN B 322 2.28 6.37 12.97
C GLN B 322 2.35 5.32 11.90
N ASN B 323 3.50 4.67 11.78
CA ASN B 323 3.69 3.55 10.84
C ASN B 323 3.25 3.91 9.42
N TYR B 324 3.69 5.07 8.96
CA TYR B 324 3.33 5.57 7.64
C TYR B 324 4.32 5.13 6.55
N GLU B 325 5.43 4.53 6.96
CA GLU B 325 6.37 3.91 6.03
C GLU B 325 6.85 2.54 6.52
N VAL B 326 7.33 1.73 5.59
CA VAL B 326 7.81 0.38 5.90
C VAL B 326 9.27 0.24 5.47
N LYS B 327 10.11 -0.24 6.39
CA LYS B 327 11.52 -0.49 6.10
C LYS B 327 11.80 -1.99 6.13
N VAL B 328 12.44 -2.50 5.07
CA VAL B 328 12.73 -3.93 4.94
C VAL B 328 14.22 -4.20 4.69
N LYS B 329 14.61 -5.46 4.87
CA LYS B 329 16.00 -5.89 4.67
C LYS B 329 16.14 -6.55 3.31
N ALA B 330 17.10 -6.10 2.52
CA ALA B 330 17.39 -6.67 1.21
C ALA B 330 18.88 -6.81 0.97
N ILE B 331 19.23 -7.60 -0.04
CA ILE B 331 20.62 -7.85 -0.42
C ILE B 331 20.91 -7.15 -1.75
N LEU B 332 21.95 -6.33 -1.77
CA LEU B 332 22.32 -5.59 -2.98
C LEU B 332 22.72 -6.50 -4.14
N GLN B 333 22.17 -6.24 -5.32
CA GLN B 333 22.48 -6.98 -6.54
C GLN B 333 23.67 -6.35 -7.26
N ASP B 334 23.84 -5.03 -7.11
CA ASP B 334 24.97 -4.31 -7.69
C ASP B 334 25.70 -3.48 -6.64
N ASP B 335 26.87 -2.96 -7.00
CA ASP B 335 27.61 -2.03 -6.13
C ASP B 335 26.93 -0.67 -6.21
N ILE B 336 27.15 0.15 -5.19
CA ILE B 336 26.64 1.53 -5.17
C ILE B 336 27.76 2.46 -4.72
N PRO B 337 28.55 2.96 -5.67
CA PRO B 337 29.49 4.03 -5.37
C PRO B 337 28.77 5.31 -4.96
N SER B 338 29.13 5.86 -3.80
CA SER B 338 28.61 7.15 -3.35
C SER B 338 29.75 8.09 -2.97
N GLN B 339 29.48 9.40 -3.04
CA GLN B 339 30.48 10.41 -2.71
C GLN B 339 30.30 10.91 -1.27
N LEU B 340 31.43 11.16 -0.62
CA LEU B 340 31.43 11.69 0.74
C LEU B 340 30.89 13.11 0.77
N GLY B 341 30.30 13.50 1.90
CA GLY B 341 29.70 14.81 2.06
C GLY B 341 28.34 14.97 1.41
N ARG B 342 27.75 13.87 0.91
CA ARG B 342 26.43 13.94 0.26
C ARG B 342 25.53 12.77 0.68
N TYR B 343 24.34 13.11 1.13
CA TYR B 343 23.34 12.14 1.59
C TYR B 343 22.55 11.59 0.40
N GLU B 344 22.87 10.35 -0.01
CA GLU B 344 22.35 9.77 -1.25
C GLU B 344 20.91 9.28 -1.13
N PHE B 345 20.09 9.66 -2.10
CA PHE B 345 18.78 9.07 -2.33
C PHE B 345 18.90 8.25 -3.60
N ILE B 346 19.06 6.93 -3.45
CA ILE B 346 19.20 6.06 -4.61
C ILE B 346 17.98 5.15 -4.76
N LYS B 347 17.40 5.16 -5.96
CA LYS B 347 16.21 4.39 -6.25
C LYS B 347 16.58 2.93 -6.44
N ILE B 348 15.75 2.02 -5.95
CA ILE B 348 15.94 0.59 -6.16
C ILE B 348 14.62 -0.13 -6.47
N TYR B 349 14.72 -1.29 -7.12
CA TYR B 349 13.59 -2.21 -7.28
C TYR B 349 13.75 -3.40 -6.32
N TYR B 350 12.87 -3.48 -5.33
CA TYR B 350 12.88 -4.57 -4.35
C TYR B 350 11.93 -5.70 -4.77
N GLU B 351 12.36 -6.94 -4.57
CA GLU B 351 11.56 -8.12 -4.89
C GLU B 351 12.15 -9.37 -4.24
N ASN B 352 11.38 -10.00 -3.35
CA ASN B 352 11.78 -11.24 -2.67
C ASN B 352 13.21 -11.20 -2.11
N GLY B 353 13.47 -10.22 -1.26
CA GLY B 353 14.71 -10.11 -0.53
C GLY B 353 15.91 -9.61 -1.31
N ILE B 354 15.69 -9.12 -2.53
CA ILE B 354 16.78 -8.65 -3.39
C ILE B 354 16.58 -7.17 -3.73
N ALA B 355 17.64 -6.37 -3.58
CA ALA B 355 17.61 -4.95 -3.91
C ALA B 355 18.43 -4.66 -5.16
N ARG B 356 17.76 -4.55 -6.31
CA ARG B 356 18.42 -4.11 -7.54
C ARG B 356 18.43 -2.58 -7.58
N VAL B 357 19.59 -1.98 -7.83
CA VAL B 357 19.68 -0.52 -7.93
C VAL B 357 19.30 -0.06 -9.35
N ILE B 358 18.41 0.94 -9.41
CA ILE B 358 18.04 1.57 -10.68
C ILE B 358 19.10 2.60 -11.05
N LYS B 359 19.80 2.32 -12.15
CA LYS B 359 21.05 2.98 -12.51
C LYS B 359 20.90 4.20 -13.43
N LYS B 360 19.77 4.30 -14.13
CA LYS B 360 19.59 5.33 -15.15
C LYS B 360 19.45 6.72 -14.55
N LYS B 361 20.29 7.65 -15.00
CA LYS B 361 20.22 9.05 -14.63
C LYS B 361 20.31 9.93 -15.88
N GLY B 362 19.66 11.09 -15.84
CA GLY B 362 19.61 11.99 -16.97
C GLY B 362 19.24 13.42 -16.61
N SER B 363 18.97 14.24 -17.62
CA SER B 363 18.72 15.67 -17.44
C SER B 363 17.48 15.97 -16.59
N GLY B 364 16.41 15.22 -16.83
CA GLY B 364 15.18 15.38 -16.06
C GLY B 364 14.21 14.24 -16.29
N ILE B 365 14.71 13.01 -16.14
CA ILE B 365 13.94 11.81 -16.51
C ILE B 365 12.88 11.40 -15.47
N LEU B 366 11.88 10.69 -15.96
CA LEU B 366 10.75 10.21 -15.18
C LEU B 366 10.71 8.68 -15.10
N SER B 367 11.30 8.02 -16.10
CA SER B 367 11.24 6.56 -16.24
C SER B 367 11.92 5.78 -15.12
N SER B 368 12.90 6.39 -14.46
CA SER B 368 13.61 5.73 -13.37
C SER B 368 12.78 5.67 -12.07
N LEU B 369 11.82 6.58 -11.94
CA LEU B 369 10.82 6.52 -10.87
C LEU B 369 9.79 5.42 -11.14
N LEU B 370 9.49 5.17 -12.42
CA LEU B 370 8.59 4.10 -12.82
C LEU B 370 9.21 2.71 -12.59
N ALA B 371 10.53 2.62 -12.73
CA ALA B 371 11.23 1.35 -12.67
C ALA B 371 11.65 0.95 -11.25
N SER B 372 11.40 1.85 -10.28
CA SER B 372 11.74 1.62 -8.89
C SER B 372 10.50 1.57 -8.00
N ASN B 373 10.58 0.80 -6.92
CA ASN B 373 9.52 0.72 -5.92
C ASN B 373 10.03 0.87 -4.49
N ALA B 374 11.22 1.45 -4.34
CA ALA B 374 11.85 1.65 -3.03
C ALA B 374 13.04 2.57 -3.13
N TYR B 375 13.59 3.00 -1.99
CA TYR B 375 14.81 3.79 -1.97
C TYR B 375 15.72 3.46 -0.79
N LEU B 376 17.02 3.60 -1.03
CA LEU B 376 18.06 3.37 -0.04
C LEU B 376 18.72 4.69 0.28
N GLU B 377 19.00 4.92 1.55
CA GLU B 377 19.63 6.15 2.01
C GLU B 377 21.05 5.84 2.49
N ILE B 378 22.02 6.57 1.94
CA ILE B 378 23.42 6.44 2.32
C ILE B 378 23.87 7.73 2.99
N PRO B 379 24.33 7.66 4.24
CA PRO B 379 24.73 8.87 4.96
C PRO B 379 26.00 9.53 4.38
N GLU B 380 26.26 10.74 4.84
CA GLU B 380 27.35 11.56 4.31
C GLU B 380 28.73 10.97 4.65
N ASP B 381 28.82 10.25 5.76
CA ASP B 381 30.09 9.68 6.23
C ASP B 381 30.41 8.29 5.63
N SER B 382 29.78 7.95 4.51
CA SER B 382 29.93 6.62 3.90
C SER B 382 30.41 6.73 2.45
N GLU B 383 31.27 5.79 2.05
CA GLU B 383 31.82 5.76 0.70
C GLU B 383 31.00 4.90 -0.26
N GLY B 384 30.00 4.18 0.27
CA GLY B 384 29.13 3.34 -0.55
C GLY B 384 28.93 1.97 0.04
N TYR B 385 28.33 1.08 -0.74
CA TYR B 385 28.11 -0.31 -0.35
C TYR B 385 28.54 -1.27 -1.46
N ARG B 386 29.24 -2.33 -1.08
CA ARG B 386 29.64 -3.38 -2.02
C ARG B 386 28.47 -4.33 -2.23
N ARG B 387 28.35 -4.86 -3.45
CA ARG B 387 27.36 -5.89 -3.77
C ARG B 387 27.42 -7.04 -2.76
N GLY B 388 26.26 -7.48 -2.30
CA GLY B 388 26.16 -8.60 -1.37
C GLY B 388 25.94 -8.17 0.07
N GLU B 389 26.02 -6.88 0.34
CA GLU B 389 25.81 -6.35 1.69
C GLU B 389 24.32 -6.27 2.00
N GLU B 390 23.99 -6.23 3.29
CA GLU B 390 22.60 -6.20 3.75
C GLU B 390 22.21 -4.80 4.21
N VAL B 391 21.50 -4.07 3.34
CA VAL B 391 21.07 -2.71 3.64
C VAL B 391 19.59 -2.63 3.98
N TRP B 392 19.20 -1.52 4.60
CA TRP B 392 17.81 -1.22 4.89
C TRP B 392 17.28 -0.27 3.82
N ILE B 393 16.10 -0.59 3.29
CA ILE B 393 15.45 0.23 2.27
C ILE B 393 14.04 0.62 2.71
N THR B 394 13.53 1.70 2.14
CA THR B 394 12.17 2.17 2.41
C THR B 394 11.31 1.98 1.18
N LEU B 395 10.21 1.24 1.33
CA LEU B 395 9.28 1.03 0.22
C LEU B 395 8.53 2.32 -0.10
N TYR B 396 8.27 2.55 -1.38
CA TYR B 396 7.43 3.65 -1.82
C TYR B 396 6.02 3.43 -1.25
#